data_3ILU
#
_entry.id   3ILU
#
_cell.length_a   47.289
_cell.length_b   114.194
_cell.length_c   163.732
_cell.angle_alpha   90.00
_cell.angle_beta   90.00
_cell.angle_gamma   90.00
#
_symmetry.space_group_name_H-M   'P 2 21 21'
#
loop_
_entity.id
_entity.type
_entity.pdbx_description
1 polymer 'Glutamate receptor 2'
2 non-polymer 'GLUTAMIC ACID'
3 non-polymer '6-(trifluoromethyl)-3,4-dihydro-2H-1,2,4-benzothiadiazine-7-sulfonamide 1,1-dioxide'
4 non-polymer 'ZINC ION'
5 water water
#
_entity_poly.entity_id   1
_entity_poly.type   'polypeptide(L)'
_entity_poly.pdbx_seq_one_letter_code
;KTVVVTTILESPYVMMKKNHEMLEGNERYEGYCVDLAAEIAKHCGFKYKLTIVGDGKYGARDADTKIWNGMVGELVYGKA
DIAIAPLTITLVREEVIDFSKPFMSLGISIMIKKGTPIESAEDLSKQTEIAYGTLDSGSTKEFFRRSKIAVFDKMWTYMR
SAEPSVFVRTTAEGVARVRKSKGKYAYLLESTMNEYIEQRKPCDTMKVGGNLDSKGYGIATPKGSSLGNAVNLAVLKLSE
QGLLDKLKNKWWYDKGEC
;
_entity_poly.pdbx_strand_id   B,E,H
#
loop_
_chem_comp.id
_chem_comp.type
_chem_comp.name
_chem_comp.formula
HFZ non-polymer '6-(trifluoromethyl)-3,4-dihydro-2H-1,2,4-benzothiadiazine-7-sulfonamide 1,1-dioxide' 'C8 H8 F3 N3 O4 S2'
ZN non-polymer 'ZINC ION' 'Zn 2'
#
# COMPACT_ATOMS: atom_id res chain seq x y z
N LYS A 1 -8.03 1.70 -21.67
CA LYS A 1 -7.33 0.45 -21.93
C LYS A 1 -6.93 -0.31 -20.66
N THR A 2 -7.19 -1.61 -20.66
CA THR A 2 -6.85 -2.45 -19.53
C THR A 2 -5.33 -2.63 -19.44
N VAL A 3 -4.76 -2.23 -18.31
CA VAL A 3 -3.34 -2.34 -18.07
C VAL A 3 -2.96 -3.80 -17.84
N VAL A 4 -1.97 -4.29 -18.58
CA VAL A 4 -1.48 -5.63 -18.37
C VAL A 4 -0.36 -5.63 -17.32
N VAL A 5 -0.56 -6.42 -16.27
CA VAL A 5 0.38 -6.46 -15.13
C VAL A 5 1.09 -7.79 -15.14
N THR A 6 2.41 -7.76 -15.28
CA THR A 6 3.17 -9.00 -15.25
C THR A 6 3.64 -9.22 -13.82
N THR A 7 3.52 -10.46 -13.36
CA THR A 7 3.99 -10.76 -12.02
C THR A 7 4.49 -12.20 -12.02
N ILE A 8 4.80 -12.73 -10.84
CA ILE A 8 5.47 -14.02 -10.78
C ILE A 8 4.98 -14.81 -9.59
N LEU A 9 4.79 -16.12 -9.78
CA LEU A 9 4.27 -16.93 -8.69
C LEU A 9 5.37 -17.13 -7.68
N GLU A 10 5.29 -16.38 -6.59
CA GLU A 10 6.31 -16.36 -5.55
C GLU A 10 5.61 -16.07 -4.21
N SER A 11 5.66 -17.00 -3.26
CA SER A 11 5.03 -16.79 -1.94
C SER A 11 5.80 -15.82 -1.06
N PRO A 12 5.08 -14.93 -0.36
CA PRO A 12 3.62 -14.81 -0.36
C PRO A 12 3.16 -13.63 -1.22
N TYR A 13 3.94 -13.27 -2.23
CA TYR A 13 3.60 -12.13 -3.10
C TYR A 13 2.43 -12.45 -4.02
N VAL A 14 2.50 -13.58 -4.69
CA VAL A 14 1.44 -14.02 -5.56
C VAL A 14 1.32 -15.53 -5.46
N MET A 15 0.14 -16.00 -5.08
CA MET A 15 -0.12 -17.43 -4.98
C MET A 15 -1.46 -17.76 -5.61
N MET A 16 -1.64 -18.99 -6.05
CA MET A 16 -2.94 -19.41 -6.57
C MET A 16 -3.87 -19.63 -5.40
N LYS A 17 -5.08 -19.08 -5.46
CA LYS A 17 -6.10 -19.40 -4.44
C LYS A 17 -6.47 -20.87 -4.51
N LYS A 18 -6.80 -21.45 -3.36
CA LYS A 18 -7.06 -22.89 -3.24
C LYS A 18 -8.22 -23.35 -4.11
N ASN A 19 -9.02 -22.40 -4.59
CA ASN A 19 -10.14 -22.73 -5.47
C ASN A 19 -10.04 -22.05 -6.83
N HIS A 20 -8.82 -21.65 -7.20
CA HIS A 20 -8.61 -20.86 -8.42
C HIS A 20 -9.34 -21.42 -9.64
N GLU A 21 -9.47 -22.74 -9.70
CA GLU A 21 -10.10 -23.40 -10.84
C GLU A 21 -11.54 -22.93 -11.10
N MET A 22 -12.25 -22.55 -10.05
CA MET A 22 -13.63 -22.10 -10.19
C MET A 22 -13.76 -20.57 -10.15
N LEU A 23 -12.66 -19.86 -10.37
CA LEU A 23 -12.67 -18.39 -10.38
C LEU A 23 -12.16 -17.85 -11.72
N GLU A 24 -12.26 -16.53 -11.92
CA GLU A 24 -11.86 -15.98 -13.21
C GLU A 24 -11.02 -14.70 -13.09
N GLY A 25 -10.14 -14.47 -14.06
CA GLY A 25 -9.33 -13.27 -14.07
C GLY A 25 -8.51 -13.06 -12.81
N ASN A 26 -8.56 -11.83 -12.30
CA ASN A 26 -7.74 -11.45 -11.16
C ASN A 26 -8.07 -12.21 -9.88
N GLU A 27 -9.26 -12.78 -9.83
CA GLU A 27 -9.74 -13.45 -8.63
C GLU A 27 -9.07 -14.79 -8.38
N ARG A 28 -8.34 -15.29 -9.36
CA ARG A 28 -7.62 -16.55 -9.20
C ARG A 28 -6.44 -16.46 -8.24
N TYR A 29 -5.93 -15.25 -8.01
CA TYR A 29 -4.67 -15.09 -7.27
C TYR A 29 -4.89 -14.38 -5.95
N GLU A 30 -3.98 -14.60 -5.01
CA GLU A 30 -3.97 -13.86 -3.76
C GLU A 30 -2.53 -13.63 -3.31
N GLY A 31 -2.33 -12.61 -2.48
CA GLY A 31 -1.01 -12.38 -1.91
C GLY A 31 -0.70 -10.92 -1.74
N TYR A 32 0.48 -10.64 -1.21
CA TYR A 32 0.90 -9.25 -0.99
C TYR A 32 0.83 -8.39 -2.27
N CYS A 33 1.33 -8.91 -3.40
CA CYS A 33 1.36 -8.12 -4.64
C CYS A 33 0.01 -8.03 -5.31
N VAL A 34 -0.85 -9.01 -5.06
CA VAL A 34 -2.22 -8.95 -5.56
C VAL A 34 -2.98 -7.84 -4.82
N ASP A 35 -2.83 -7.79 -3.49
CA ASP A 35 -3.42 -6.70 -2.70
C ASP A 35 -2.85 -5.35 -3.12
N LEU A 36 -1.54 -5.29 -3.36
CA LEU A 36 -0.92 -4.04 -3.74
C LEU A 36 -1.37 -3.58 -5.13
N ALA A 37 -1.47 -4.50 -6.08
CA ALA A 37 -1.90 -4.17 -7.44
C ALA A 37 -3.27 -3.51 -7.38
N ALA A 38 -4.18 -4.10 -6.62
CA ALA A 38 -5.52 -3.53 -6.46
C ALA A 38 -5.52 -2.08 -5.96
N GLU A 39 -4.75 -1.79 -4.92
CA GLU A 39 -4.65 -0.44 -4.39
C GLU A 39 -4.03 0.50 -5.41
N ILE A 40 -2.89 0.11 -5.97
CA ILE A 40 -2.19 0.94 -6.97
C ILE A 40 -3.18 1.35 -8.07
N ALA A 41 -3.89 0.36 -8.60
CA ALA A 41 -4.79 0.59 -9.73
C ALA A 41 -5.92 1.52 -9.32
N LYS A 42 -6.38 1.36 -8.09
CA LYS A 42 -7.47 2.17 -7.57
C LYS A 42 -7.07 3.64 -7.41
N HIS A 43 -5.88 3.88 -6.88
CA HIS A 43 -5.37 5.23 -6.66
C HIS A 43 -4.89 5.88 -7.95
N CYS A 44 -4.55 5.07 -8.95
CA CYS A 44 -4.13 5.60 -10.24
C CYS A 44 -5.30 5.65 -11.20
N GLY A 45 -6.39 4.99 -10.83
CA GLY A 45 -7.60 4.98 -11.62
C GLY A 45 -7.53 4.18 -12.92
N PHE A 46 -6.98 2.97 -12.86
CA PHE A 46 -7.01 2.11 -14.04
C PHE A 46 -7.50 0.69 -13.77
N LYS A 47 -8.06 0.06 -14.81
CA LYS A 47 -8.42 -1.35 -14.79
C LYS A 47 -7.19 -2.12 -15.23
N TYR A 48 -7.04 -3.34 -14.74
CA TYR A 48 -5.82 -4.11 -14.99
C TYR A 48 -6.11 -5.58 -15.07
N LYS A 49 -5.15 -6.32 -15.62
CA LYS A 49 -5.24 -7.75 -15.76
C LYS A 49 -3.93 -8.35 -15.29
N LEU A 50 -4.00 -9.19 -14.25
CA LEU A 50 -2.80 -9.87 -13.75
C LEU A 50 -2.43 -11.04 -14.67
N THR A 51 -1.14 -11.13 -15.01
CA THR A 51 -0.66 -12.25 -15.81
C THR A 51 0.69 -12.71 -15.28
N ILE A 52 0.84 -14.01 -15.13
CA ILE A 52 2.08 -14.61 -14.68
C ILE A 52 3.13 -14.65 -15.79
N VAL A 53 4.33 -14.23 -15.46
CA VAL A 53 5.41 -14.19 -16.44
C VAL A 53 5.67 -15.60 -16.97
N GLY A 54 5.79 -15.74 -18.28
CA GLY A 54 5.79 -17.05 -18.92
C GLY A 54 6.97 -17.96 -18.59
N ASP A 55 8.17 -17.40 -18.60
CA ASP A 55 9.35 -18.20 -18.31
C ASP A 55 9.63 -18.30 -16.81
N GLY A 56 8.75 -17.71 -15.99
CA GLY A 56 8.89 -17.77 -14.54
C GLY A 56 10.13 -17.14 -13.95
N LYS A 57 10.75 -16.21 -14.68
CA LYS A 57 11.96 -15.55 -14.19
C LYS A 57 11.76 -14.08 -13.86
N TYR A 58 12.69 -13.52 -13.11
CA TYR A 58 12.67 -12.11 -12.74
C TYR A 58 13.22 -11.23 -13.84
N GLY A 59 14.37 -11.59 -14.37
CA GLY A 59 14.86 -10.93 -15.57
C GLY A 59 16.34 -10.65 -15.53
N ALA A 60 17.04 -11.15 -16.54
CA ALA A 60 18.45 -10.89 -16.71
C ALA A 60 18.71 -10.81 -18.20
N ARG A 61 19.82 -10.19 -18.57
CA ARG A 61 20.14 -10.08 -19.98
C ARG A 61 21.15 -11.17 -20.33
N ASP A 62 20.77 -12.03 -21.26
CA ASP A 62 21.68 -13.04 -21.79
C ASP A 62 22.95 -12.37 -22.31
N ALA A 63 24.10 -12.85 -21.85
CA ALA A 63 25.38 -12.24 -22.25
C ALA A 63 25.62 -12.39 -23.75
N ASP A 64 25.14 -13.50 -24.31
CA ASP A 64 25.31 -13.81 -25.73
C ASP A 64 24.32 -13.07 -26.62
N THR A 65 23.04 -13.40 -26.48
CA THR A 65 21.99 -12.81 -27.32
C THR A 65 21.63 -11.38 -26.93
N LYS A 66 22.00 -10.98 -25.71
CA LYS A 66 21.67 -9.64 -25.21
C LYS A 66 20.16 -9.46 -25.05
N ILE A 67 19.43 -10.57 -25.07
CA ILE A 67 17.99 -10.53 -24.87
C ILE A 67 17.59 -10.64 -23.39
N TRP A 68 16.69 -9.76 -22.96
CA TRP A 68 16.16 -9.77 -21.59
C TRP A 68 15.08 -10.84 -21.42
N ASN A 69 15.23 -11.68 -20.40
CA ASN A 69 14.17 -12.65 -20.10
C ASN A 69 13.32 -12.15 -18.92
N GLY A 70 12.38 -12.96 -18.47
CA GLY A 70 11.60 -12.64 -17.29
C GLY A 70 10.64 -11.46 -17.40
N MET A 71 10.21 -10.96 -16.24
CA MET A 71 9.31 -9.82 -16.16
C MET A 71 9.95 -8.58 -16.79
N VAL A 72 11.26 -8.45 -16.66
CA VAL A 72 11.95 -7.30 -17.25
C VAL A 72 11.79 -7.36 -18.77
N GLY A 73 12.08 -8.51 -19.35
CA GLY A 73 11.80 -8.76 -20.76
C GLY A 73 10.38 -8.41 -21.18
N GLU A 74 9.38 -8.85 -20.42
CA GLU A 74 7.98 -8.53 -20.78
C GLU A 74 7.76 -7.03 -20.89
N LEU A 75 8.40 -6.27 -20.02
CA LEU A 75 8.29 -4.81 -20.11
C LEU A 75 9.10 -4.25 -21.28
N VAL A 76 10.31 -4.75 -21.44
CA VAL A 76 11.21 -4.22 -22.48
C VAL A 76 10.67 -4.48 -23.90
N TYR A 77 10.09 -5.65 -24.12
CA TYR A 77 9.59 -6.00 -25.45
C TYR A 77 8.09 -5.70 -25.67
N GLY A 78 7.46 -5.05 -24.70
CA GLY A 78 6.10 -4.57 -24.88
C GLY A 78 4.98 -5.56 -24.59
N LYS A 79 5.27 -6.63 -23.87
CA LYS A 79 4.25 -7.63 -23.60
C LYS A 79 3.46 -7.32 -22.33
N ALA A 80 3.93 -6.35 -21.53
CA ALA A 80 3.23 -5.93 -20.32
C ALA A 80 3.41 -4.44 -20.07
N ASP A 81 2.45 -3.84 -19.36
CA ASP A 81 2.48 -2.41 -19.11
C ASP A 81 3.15 -2.05 -17.80
N ILE A 82 3.16 -3.01 -16.88
CA ILE A 82 3.67 -2.74 -15.55
C ILE A 82 3.99 -4.07 -14.86
N ALA A 83 5.01 -4.06 -14.02
CA ALA A 83 5.35 -5.22 -13.21
C ALA A 83 5.11 -4.86 -11.76
N ILE A 84 4.34 -5.70 -11.08
CA ILE A 84 4.07 -5.57 -9.65
C ILE A 84 4.47 -6.90 -9.01
N ALA A 85 5.69 -6.93 -8.48
CA ALA A 85 6.30 -8.17 -8.01
C ALA A 85 7.49 -7.84 -7.13
N PRO A 86 8.05 -8.86 -6.46
CA PRO A 86 9.26 -8.64 -5.66
C PRO A 86 10.47 -8.49 -6.60
N LEU A 87 10.46 -7.41 -7.39
CA LEU A 87 11.47 -7.14 -8.40
C LEU A 87 12.49 -6.13 -7.88
N THR A 88 13.74 -6.54 -7.75
CA THR A 88 14.77 -5.71 -7.13
C THR A 88 15.20 -4.54 -8.02
N ILE A 89 15.28 -3.34 -7.45
CA ILE A 89 15.78 -2.16 -8.17
C ILE A 89 17.28 -2.32 -8.32
N THR A 90 17.76 -2.40 -9.56
CA THR A 90 19.20 -2.49 -9.81
C THR A 90 19.61 -1.55 -10.93
N LEU A 91 20.89 -1.21 -10.98
CA LEU A 91 21.42 -0.32 -11.99
C LEU A 91 21.22 -0.85 -13.41
N VAL A 92 21.58 -2.10 -13.68
CA VAL A 92 21.46 -2.59 -15.06
C VAL A 92 20.00 -2.63 -15.51
N ARG A 93 19.08 -2.81 -14.57
CA ARG A 93 17.68 -2.82 -14.93
C ARG A 93 17.15 -1.41 -15.15
N GLU A 94 17.63 -0.49 -14.31
CA GLU A 94 17.21 0.90 -14.33
C GLU A 94 17.61 1.51 -15.67
N GLU A 95 18.55 0.86 -16.34
CA GLU A 95 19.03 1.36 -17.63
C GLU A 95 18.04 1.10 -18.75
N VAL A 96 17.14 0.14 -18.56
CA VAL A 96 16.18 -0.20 -19.60
C VAL A 96 14.71 -0.13 -19.18
N ILE A 97 14.46 -0.05 -17.88
CA ILE A 97 13.10 0.13 -17.37
C ILE A 97 13.07 1.17 -16.25
N ASP A 98 11.88 1.68 -15.94
CA ASP A 98 11.74 2.65 -14.85
C ASP A 98 11.21 1.96 -13.60
N PHE A 99 11.73 2.33 -12.44
CA PHE A 99 11.21 1.85 -11.16
C PHE A 99 10.62 3.00 -10.34
N SER A 100 9.53 2.73 -9.66
CA SER A 100 9.06 3.59 -8.58
C SER A 100 10.05 3.60 -7.43
N LYS A 101 9.85 4.52 -6.48
CA LYS A 101 10.53 4.43 -5.21
C LYS A 101 10.17 3.07 -4.58
N PRO A 102 11.04 2.54 -3.74
CA PRO A 102 10.86 1.18 -3.19
C PRO A 102 9.60 1.05 -2.34
N PHE A 103 8.89 -0.06 -2.49
CA PHE A 103 7.73 -0.33 -1.65
C PHE A 103 8.07 -1.31 -0.52
N MET A 104 9.28 -1.88 -0.56
CA MET A 104 9.68 -2.85 0.45
C MET A 104 11.19 -2.96 0.51
N SER A 105 11.71 -3.04 1.71
CA SER A 105 13.13 -3.15 1.93
C SER A 105 13.56 -4.62 1.98
N LEU A 106 14.80 -4.89 1.58
CA LEU A 106 15.35 -6.25 1.73
C LEU A 106 16.86 -6.27 1.58
N GLY A 107 17.48 -7.39 1.91
CA GLY A 107 18.89 -7.57 1.66
C GLY A 107 19.16 -9.04 1.39
N ILE A 108 20.25 -9.35 0.70
CA ILE A 108 20.68 -10.75 0.53
C ILE A 108 20.97 -11.32 1.93
N SER A 109 20.49 -12.53 2.20
CA SER A 109 20.66 -13.15 3.51
C SER A 109 20.93 -14.62 3.31
N ILE A 110 21.28 -15.29 4.40
CA ILE A 110 21.58 -16.72 4.37
C ILE A 110 20.47 -17.56 5.00
N MET A 111 19.99 -18.55 4.26
CA MET A 111 19.04 -19.52 4.79
C MET A 111 19.72 -20.85 5.09
N ILE A 112 19.67 -21.28 6.35
CA ILE A 112 20.18 -22.60 6.71
C ILE A 112 19.09 -23.51 7.27
N LYS A 113 19.35 -24.81 7.18
CA LYS A 113 18.59 -25.79 7.95
C LYS A 113 18.99 -25.58 9.42
N LYS A 114 18.03 -25.60 10.34
CA LYS A 114 18.32 -25.37 11.76
C LYS A 114 19.40 -26.31 12.26
N GLY A 115 20.36 -25.75 12.99
CA GLY A 115 21.47 -26.51 13.54
C GLY A 115 22.71 -26.55 12.66
N THR A 116 22.62 -25.94 11.48
CA THR A 116 23.75 -25.90 10.57
C THR A 116 24.84 -24.99 11.13
N PRO A 117 26.09 -25.48 11.18
CA PRO A 117 27.22 -24.77 11.79
C PRO A 117 27.66 -23.48 11.05
N ILE A 118 26.72 -22.62 10.67
CA ILE A 118 27.07 -21.41 9.94
C ILE A 118 26.50 -20.17 10.61
N GLU A 119 27.28 -19.11 10.69
CA GLU A 119 26.80 -17.85 11.29
C GLU A 119 26.82 -16.64 10.35
N SER A 120 27.45 -16.76 9.18
CA SER A 120 27.72 -15.60 8.37
C SER A 120 28.26 -16.01 7.02
N ALA A 121 28.39 -15.02 6.13
CA ALA A 121 28.99 -15.22 4.83
C ALA A 121 30.45 -15.62 4.96
N GLU A 122 31.19 -14.93 5.82
CA GLU A 122 32.59 -15.25 6.01
C GLU A 122 32.72 -16.72 6.37
N ASP A 123 31.84 -17.21 7.23
CA ASP A 123 31.83 -18.61 7.64
C ASP A 123 31.65 -19.56 6.45
N LEU A 124 30.66 -19.28 5.60
CA LEU A 124 30.48 -20.08 4.39
C LEU A 124 31.72 -20.07 3.53
N SER A 125 32.30 -18.89 3.35
CA SER A 125 33.40 -18.71 2.42
C SER A 125 34.65 -19.46 2.87
N LYS A 126 34.78 -19.68 4.18
CA LYS A 126 35.97 -20.31 4.75
C LYS A 126 35.95 -21.84 4.69
N GLN A 127 34.86 -22.42 4.23
CA GLN A 127 34.69 -23.87 4.32
C GLN A 127 34.13 -24.50 3.05
N THR A 128 34.05 -25.82 3.03
CA THR A 128 33.64 -26.53 1.81
C THR A 128 32.62 -27.67 2.04
N GLU A 129 32.54 -28.17 3.27
CA GLU A 129 31.59 -29.24 3.57
C GLU A 129 30.14 -28.85 3.26
N ILE A 130 29.79 -27.59 3.54
CA ILE A 130 28.43 -27.10 3.27
C ILE A 130 28.38 -26.35 1.96
N ALA A 131 27.57 -26.84 1.04
CA ALA A 131 27.40 -26.21 -0.27
C ALA A 131 26.48 -24.99 -0.16
N TYR A 132 26.57 -24.08 -1.11
CA TYR A 132 25.66 -22.93 -1.12
C TYR A 132 25.48 -22.32 -2.52
N GLY A 133 24.32 -21.73 -2.77
CA GLY A 133 24.00 -21.21 -4.09
C GLY A 133 22.89 -20.18 -4.02
N THR A 134 22.48 -19.69 -5.19
CA THR A 134 21.45 -18.67 -5.29
C THR A 134 20.44 -19.01 -6.38
N LEU A 135 19.38 -18.20 -6.48
CA LEU A 135 18.45 -18.29 -7.58
C LEU A 135 19.17 -17.97 -8.90
N ASP A 136 18.73 -18.60 -9.98
CA ASP A 136 19.26 -18.26 -11.30
C ASP A 136 18.50 -17.09 -11.92
N SER A 137 19.18 -16.30 -12.75
CA SER A 137 18.54 -15.18 -13.45
C SER A 137 17.91 -14.16 -12.51
N GLY A 138 18.54 -13.94 -11.36
CA GLY A 138 18.04 -12.97 -10.40
C GLY A 138 19.11 -11.99 -9.96
N SER A 139 18.71 -11.03 -9.12
CA SER A 139 19.61 -9.97 -8.72
C SER A 139 20.64 -10.49 -7.74
N THR A 140 20.30 -11.57 -7.05
CA THR A 140 21.23 -12.12 -6.07
C THR A 140 22.45 -12.71 -6.80
N LYS A 141 22.19 -13.50 -7.83
CA LYS A 141 23.29 -14.06 -8.63
C LYS A 141 24.19 -12.94 -9.18
N GLU A 142 23.59 -11.88 -9.68
CA GLU A 142 24.37 -10.79 -10.25
C GLU A 142 25.24 -10.08 -9.21
N PHE A 143 24.74 -9.99 -7.98
CA PHE A 143 25.47 -9.35 -6.89
C PHE A 143 26.78 -10.08 -6.65
N PHE A 144 26.74 -11.40 -6.67
CA PHE A 144 27.93 -12.17 -6.41
C PHE A 144 28.85 -12.11 -7.61
N ARG A 145 28.25 -12.16 -8.80
CA ARG A 145 29.01 -12.12 -10.05
C ARG A 145 29.81 -10.82 -10.18
N ARG A 146 29.30 -9.73 -9.62
CA ARG A 146 29.89 -8.40 -9.81
C ARG A 146 30.71 -7.91 -8.62
N SER A 147 30.57 -8.56 -7.48
CA SER A 147 31.14 -8.00 -6.25
C SER A 147 32.65 -7.87 -6.26
N LYS A 148 33.17 -6.89 -5.51
CA LYS A 148 34.62 -6.67 -5.36
C LYS A 148 35.05 -6.84 -3.91
N ILE A 149 34.10 -7.17 -3.04
CA ILE A 149 34.41 -7.48 -1.66
C ILE A 149 34.98 -8.90 -1.60
N ALA A 150 36.07 -9.08 -0.84
CA ALA A 150 36.81 -10.34 -0.87
C ALA A 150 35.96 -11.56 -0.50
N VAL A 151 35.24 -11.46 0.61
CA VAL A 151 34.37 -12.56 1.02
C VAL A 151 33.37 -12.93 -0.07
N PHE A 152 32.82 -11.93 -0.76
CA PHE A 152 31.81 -12.21 -1.77
C PHE A 152 32.41 -12.71 -3.07
N ASP A 153 33.52 -12.12 -3.51
CA ASP A 153 34.22 -12.65 -4.67
C ASP A 153 34.61 -14.12 -4.49
N LYS A 154 35.11 -14.45 -3.31
CA LYS A 154 35.47 -15.83 -2.99
C LYS A 154 34.28 -16.75 -3.06
N MET A 155 33.14 -16.28 -2.56
CA MET A 155 31.90 -17.07 -2.62
C MET A 155 31.47 -17.29 -4.06
N TRP A 156 31.59 -16.26 -4.90
CA TRP A 156 31.24 -16.38 -6.32
C TRP A 156 32.16 -17.35 -7.04
N THR A 157 33.45 -17.28 -6.72
CA THR A 157 34.44 -18.14 -7.33
C THR A 157 34.12 -19.59 -7.06
N TYR A 158 33.69 -19.88 -5.84
CA TYR A 158 33.24 -21.23 -5.53
C TYR A 158 31.93 -21.58 -6.27
N MET A 159 30.92 -20.73 -6.16
CA MET A 159 29.60 -21.07 -6.71
C MET A 159 29.58 -21.24 -8.23
N ARG A 160 30.32 -20.41 -8.96
CA ARG A 160 30.27 -20.44 -10.41
C ARG A 160 30.83 -21.72 -11.02
N SER A 161 31.66 -22.43 -10.27
CA SER A 161 32.29 -23.63 -10.81
C SER A 161 32.02 -24.88 -9.97
N ALA A 162 31.18 -24.74 -8.95
CA ALA A 162 30.80 -25.89 -8.14
C ALA A 162 29.99 -26.89 -8.97
N GLU A 163 30.16 -28.17 -8.66
CA GLU A 163 29.41 -29.22 -9.34
C GLU A 163 28.99 -30.33 -8.37
N PRO A 164 27.72 -30.76 -8.45
CA PRO A 164 26.71 -30.29 -9.40
C PRO A 164 26.35 -28.83 -9.13
N SER A 165 25.58 -28.21 -10.02
CA SER A 165 25.23 -26.80 -9.87
C SER A 165 24.68 -26.49 -8.46
N VAL A 166 25.07 -25.34 -7.93
CA VAL A 166 24.51 -24.86 -6.67
C VAL A 166 23.36 -23.87 -6.92
N PHE A 167 23.04 -23.61 -8.18
CA PHE A 167 21.99 -22.63 -8.51
C PHE A 167 20.65 -23.31 -8.73
N VAL A 168 19.57 -22.66 -8.32
CA VAL A 168 18.25 -23.23 -8.49
C VAL A 168 17.41 -22.35 -9.42
N ARG A 169 16.38 -22.92 -10.03
CA ARG A 169 15.58 -22.16 -10.98
C ARG A 169 14.41 -21.42 -10.33
N THR A 170 14.07 -21.82 -9.10
CA THR A 170 13.00 -21.17 -8.34
C THR A 170 13.35 -21.13 -6.85
N THR A 171 12.80 -20.13 -6.16
CA THR A 171 12.98 -19.99 -4.72
C THR A 171 12.52 -21.27 -4.00
N ALA A 172 11.37 -21.78 -4.41
CA ALA A 172 10.83 -23.00 -3.84
C ALA A 172 11.85 -24.13 -3.91
N GLU A 173 12.57 -24.19 -5.03
CA GLU A 173 13.54 -25.25 -5.26
C GLU A 173 14.73 -25.11 -4.31
N GLY A 174 15.15 -23.88 -4.07
CA GLY A 174 16.24 -23.61 -3.16
C GLY A 174 15.88 -24.05 -1.75
N VAL A 175 14.67 -23.72 -1.32
CA VAL A 175 14.23 -24.03 0.04
C VAL A 175 14.16 -25.54 0.23
N ALA A 176 13.60 -26.22 -0.76
CA ALA A 176 13.49 -27.67 -0.76
C ALA A 176 14.86 -28.31 -0.67
N ARG A 177 15.83 -27.74 -1.38
CA ARG A 177 17.18 -28.27 -1.30
C ARG A 177 17.76 -28.14 0.11
N VAL A 178 17.51 -27.00 0.76
CA VAL A 178 17.97 -26.80 2.12
C VAL A 178 17.36 -27.85 3.04
N ARG A 179 16.04 -28.03 2.91
CA ARG A 179 15.31 -28.90 3.82
C ARG A 179 15.74 -30.36 3.68
N LYS A 180 16.01 -30.80 2.46
CA LYS A 180 16.36 -32.19 2.19
C LYS A 180 17.86 -32.49 2.22
N SER A 181 18.69 -31.48 2.44
CA SER A 181 20.14 -31.71 2.36
C SER A 181 20.84 -31.90 3.72
N LYS A 182 20.06 -32.05 4.78
CA LYS A 182 20.63 -32.44 6.06
C LYS A 182 21.68 -31.48 6.56
N GLY A 183 21.54 -30.22 6.20
CA GLY A 183 22.44 -29.19 6.69
C GLY A 183 23.62 -28.95 5.78
N LYS A 184 23.66 -29.67 4.66
CA LYS A 184 24.82 -29.62 3.76
C LYS A 184 24.61 -28.66 2.59
N TYR A 185 23.49 -27.95 2.59
CA TYR A 185 23.22 -26.90 1.60
C TYR A 185 22.62 -25.66 2.25
N ALA A 186 23.28 -24.52 2.06
CA ALA A 186 22.76 -23.23 2.51
C ALA A 186 22.32 -22.44 1.29
N TYR A 187 21.28 -21.62 1.44
CA TYR A 187 20.70 -20.93 0.30
C TYR A 187 20.75 -19.41 0.46
N LEU A 188 21.36 -18.71 -0.49
CA LEU A 188 21.43 -17.26 -0.47
C LEU A 188 20.25 -16.64 -1.18
N LEU A 189 19.41 -15.93 -0.44
CA LEU A 189 18.17 -15.38 -0.98
C LEU A 189 17.81 -14.11 -0.23
N GLU A 190 16.82 -13.38 -0.74
CA GLU A 190 16.50 -12.11 -0.16
C GLU A 190 15.81 -12.26 1.20
N SER A 191 16.08 -11.32 2.10
CA SER A 191 15.67 -11.43 3.49
C SER A 191 14.16 -11.57 3.65
N THR A 192 13.41 -10.95 2.74
CA THR A 192 11.95 -11.04 2.77
C THR A 192 11.47 -12.47 2.58
N MET A 193 12.01 -13.16 1.56
CA MET A 193 11.63 -14.55 1.34
C MET A 193 12.14 -15.41 2.47
N ASN A 194 13.33 -15.09 2.96
CA ASN A 194 13.94 -15.87 4.03
C ASN A 194 13.04 -15.78 5.25
N GLU A 195 12.63 -14.57 5.59
CA GLU A 195 11.77 -14.34 6.75
C GLU A 195 10.40 -14.99 6.61
N TYR A 196 9.87 -15.01 5.40
CA TYR A 196 8.58 -15.64 5.18
C TYR A 196 8.65 -17.16 5.43
N ILE A 197 9.68 -17.81 4.91
CA ILE A 197 9.81 -19.27 5.00
C ILE A 197 10.08 -19.72 6.45
N GLU A 198 10.86 -18.91 7.15
CA GLU A 198 11.13 -19.08 8.58
C GLU A 198 9.85 -19.25 9.40
N GLN A 199 8.77 -18.61 8.96
CA GLN A 199 7.49 -18.69 9.67
C GLN A 199 6.52 -19.75 9.13
N ARG A 200 7.01 -20.67 8.31
CA ARG A 200 6.13 -21.67 7.71
C ARG A 200 6.53 -23.08 8.14
N LYS A 201 5.53 -23.93 8.38
CA LYS A 201 5.80 -25.35 8.62
C LYS A 201 6.59 -25.84 7.41
N PRO A 202 7.56 -26.75 7.63
CA PRO A 202 7.92 -27.50 8.85
C PRO A 202 8.70 -26.73 9.92
N CYS A 203 8.96 -25.43 9.75
CA CYS A 203 9.73 -24.68 10.76
C CYS A 203 11.15 -25.18 10.93
N ASP A 204 11.76 -25.71 9.88
CA ASP A 204 13.08 -26.31 10.01
C ASP A 204 14.20 -25.45 9.42
N THR A 205 13.87 -24.23 9.00
CA THR A 205 14.89 -23.34 8.47
C THR A 205 14.99 -22.07 9.30
N MET A 206 16.07 -21.34 9.05
CA MET A 206 16.30 -20.12 9.78
C MET A 206 17.25 -19.21 9.02
N LYS A 207 17.04 -17.91 9.17
CA LYS A 207 17.93 -16.89 8.64
C LYS A 207 19.05 -16.64 9.64
N VAL A 208 20.28 -16.66 9.16
CA VAL A 208 21.40 -16.37 10.05
C VAL A 208 22.29 -15.26 9.51
N GLY A 209 22.86 -14.48 10.43
CA GLY A 209 23.74 -13.38 10.07
C GLY A 209 22.99 -12.11 9.76
N GLY A 210 23.74 -11.08 9.40
CA GLY A 210 23.16 -9.83 8.93
C GLY A 210 22.88 -9.96 7.45
N ASN A 211 22.27 -8.94 6.86
CA ASN A 211 22.10 -8.94 5.42
C ASN A 211 23.44 -8.58 4.79
N LEU A 212 23.69 -9.11 3.59
CA LEU A 212 24.92 -8.82 2.87
C LEU A 212 24.88 -7.46 2.18
N ASP A 213 23.69 -6.96 1.91
CA ASP A 213 23.53 -5.63 1.29
C ASP A 213 22.17 -5.03 1.65
N SER A 214 21.86 -3.87 1.09
CA SER A 214 20.59 -3.22 1.37
C SER A 214 20.02 -2.62 0.10
N LYS A 215 18.77 -2.95 -0.20
CA LYS A 215 18.14 -2.40 -1.37
C LYS A 215 16.62 -2.55 -1.26
N GLY A 216 15.92 -2.48 -2.37
CA GLY A 216 14.46 -2.44 -2.30
C GLY A 216 13.81 -2.97 -3.55
N TYR A 217 12.53 -3.33 -3.43
CA TYR A 217 11.73 -3.72 -4.57
C TYR A 217 10.97 -2.51 -5.08
N GLY A 218 10.87 -2.36 -6.40
CA GLY A 218 10.16 -1.25 -6.98
C GLY A 218 9.13 -1.73 -7.98
N ILE A 219 8.09 -0.94 -8.21
CA ILE A 219 7.12 -1.26 -9.26
C ILE A 219 7.73 -0.75 -10.56
N ALA A 220 7.75 -1.60 -11.58
CA ALA A 220 8.49 -1.30 -12.80
C ALA A 220 7.55 -1.04 -13.97
N THR A 221 7.95 -0.10 -14.82
CA THR A 221 7.20 0.26 -16.02
C THR A 221 8.17 0.42 -17.20
N PRO A 222 7.66 0.30 -18.45
CA PRO A 222 8.58 0.50 -19.58
C PRO A 222 9.15 1.92 -19.58
N LYS A 223 10.41 2.06 -19.97
CA LYS A 223 11.08 3.37 -20.01
C LYS A 223 10.21 4.45 -20.61
N GLY A 224 10.11 5.57 -19.90
CA GLY A 224 9.36 6.71 -20.39
C GLY A 224 7.84 6.58 -20.29
N SER A 225 7.35 5.45 -19.79
CA SER A 225 5.89 5.25 -19.76
C SER A 225 5.14 6.30 -18.95
N SER A 226 3.91 6.61 -19.37
CA SER A 226 3.10 7.64 -18.73
C SER A 226 2.57 7.18 -17.37
N LEU A 227 2.56 5.87 -17.15
CA LEU A 227 2.13 5.29 -15.88
C LEU A 227 3.07 5.60 -14.72
N GLY A 228 4.37 5.63 -15.01
CA GLY A 228 5.40 5.72 -13.98
C GLY A 228 5.16 6.78 -12.92
N ASN A 229 4.78 7.98 -13.35
CA ASN A 229 4.59 9.09 -12.42
C ASN A 229 3.49 8.78 -11.41
N ALA A 230 2.31 8.46 -11.92
CA ALA A 230 1.17 8.19 -11.07
C ALA A 230 1.48 7.04 -10.11
N VAL A 231 2.11 5.99 -10.62
CA VAL A 231 2.37 4.80 -9.83
C VAL A 231 3.33 5.10 -8.68
N ASN A 232 4.33 5.91 -8.96
CA ASN A 232 5.28 6.35 -7.95
C ASN A 232 4.60 7.16 -6.85
N LEU A 233 3.77 8.12 -7.24
CA LEU A 233 3.04 8.90 -6.26
C LEU A 233 2.12 8.02 -5.43
N ALA A 234 1.50 7.04 -6.07
CA ALA A 234 0.65 6.10 -5.36
C ALA A 234 1.44 5.28 -4.33
N VAL A 235 2.63 4.80 -4.70
CA VAL A 235 3.44 4.07 -3.75
C VAL A 235 3.85 4.94 -2.55
N LEU A 236 4.18 6.20 -2.79
CA LEU A 236 4.52 7.10 -1.67
C LEU A 236 3.33 7.33 -0.77
N LYS A 237 2.15 7.55 -1.35
CA LYS A 237 0.94 7.73 -0.56
C LYS A 237 0.67 6.50 0.30
N LEU A 238 0.73 5.33 -0.30
CA LEU A 238 0.42 4.10 0.42
C LEU A 238 1.45 3.82 1.51
N SER A 239 2.72 4.16 1.23
CA SER A 239 3.78 4.07 2.23
C SER A 239 3.50 4.92 3.46
N GLU A 240 3.13 6.18 3.24
CA GLU A 240 2.95 7.11 4.36
C GLU A 240 1.69 6.81 5.18
N GLN A 241 0.67 6.25 4.54
CA GLN A 241 -0.56 5.87 5.22
C GLN A 241 -0.37 4.59 6.01
N GLY A 242 0.78 3.94 5.83
CA GLY A 242 1.06 2.74 6.58
C GLY A 242 0.50 1.47 5.97
N LEU A 243 -0.01 1.54 4.74
CA LEU A 243 -0.57 0.36 4.07
C LEU A 243 0.48 -0.75 3.82
N LEU A 244 1.67 -0.34 3.38
CA LEU A 244 2.71 -1.31 3.09
C LEU A 244 3.06 -2.14 4.32
N ASP A 245 3.14 -1.47 5.48
CA ASP A 245 3.41 -2.15 6.75
C ASP A 245 2.29 -3.11 7.13
N LYS A 246 1.05 -2.67 6.94
CA LYS A 246 -0.12 -3.51 7.19
C LYS A 246 -0.07 -4.78 6.34
N LEU A 247 0.27 -4.60 5.06
CA LEU A 247 0.31 -5.74 4.13
C LEU A 247 1.40 -6.72 4.51
N LYS A 248 2.56 -6.21 4.92
CA LYS A 248 3.62 -7.11 5.32
C LYS A 248 3.17 -7.95 6.53
N ASN A 249 2.60 -7.29 7.55
CA ASN A 249 2.09 -8.01 8.70
C ASN A 249 1.06 -9.07 8.31
N LYS A 250 0.18 -8.73 7.37
CA LYS A 250 -0.90 -9.62 6.97
C LYS A 250 -0.35 -10.90 6.37
N TRP A 251 0.64 -10.76 5.49
CA TRP A 251 1.09 -11.90 4.70
C TRP A 251 2.31 -12.65 5.23
N TRP A 252 3.04 -12.05 6.16
CA TRP A 252 4.22 -12.66 6.76
C TRP A 252 3.94 -13.17 8.16
N TYR A 253 3.38 -12.30 9.00
CA TYR A 253 3.35 -12.55 10.44
C TYR A 253 2.00 -12.92 11.03
N ASP A 254 0.93 -12.22 10.64
CA ASP A 254 -0.41 -12.60 11.10
C ASP A 254 -0.62 -14.09 10.82
N LYS A 255 -0.06 -14.55 9.69
CA LYS A 255 -0.22 -15.92 9.21
C LYS A 255 0.71 -16.95 9.88
N GLY A 256 1.80 -16.46 10.49
CA GLY A 256 2.84 -17.31 11.02
C GLY A 256 2.39 -18.64 11.61
N GLU A 257 3.12 -19.71 11.29
CA GLU A 257 2.81 -21.05 11.77
C GLU A 257 3.88 -21.56 12.72
N CYS A 258 4.85 -20.72 13.06
CA CYS A 258 5.97 -21.15 13.90
C CYS A 258 6.15 -20.21 15.09
N LYS B 1 29.97 25.01 -15.67
CA LYS B 1 29.22 25.65 -14.58
C LYS B 1 29.28 24.86 -13.26
N THR B 2 29.66 25.54 -12.19
CA THR B 2 29.79 24.90 -10.88
C THR B 2 28.42 24.64 -10.26
N VAL B 3 28.17 23.40 -9.86
CA VAL B 3 26.88 23.03 -9.27
C VAL B 3 26.76 23.56 -7.85
N VAL B 4 25.70 24.28 -7.57
CA VAL B 4 25.45 24.74 -6.19
C VAL B 4 24.72 23.66 -5.40
N VAL B 5 25.37 23.14 -4.38
CA VAL B 5 24.79 22.08 -3.57
C VAL B 5 24.27 22.62 -2.25
N THR B 6 22.98 22.48 -2.00
CA THR B 6 22.47 22.90 -0.70
C THR B 6 22.53 21.72 0.25
N THR B 7 22.88 21.99 1.50
CA THR B 7 22.97 20.92 2.47
C THR B 7 22.78 21.57 3.83
N ILE B 8 22.89 20.79 4.88
CA ILE B 8 22.52 21.29 6.18
C ILE B 8 23.50 20.75 7.21
N LEU B 9 23.84 21.55 8.23
CA LEU B 9 24.70 21.08 9.31
C LEU B 9 23.95 20.15 10.25
N GLU B 10 24.28 18.87 10.18
CA GLU B 10 23.56 17.85 10.91
C GLU B 10 24.54 16.69 10.98
N SER B 11 24.96 16.34 12.19
CA SER B 11 25.98 15.31 12.33
C SER B 11 25.37 13.93 12.16
N PRO B 12 26.14 12.99 11.58
CA PRO B 12 27.48 13.20 11.03
C PRO B 12 27.45 13.33 9.50
N TYR B 13 26.36 13.87 8.96
CA TYR B 13 26.21 14.01 7.52
C TYR B 13 27.05 15.15 7.01
N VAL B 14 26.90 16.30 7.65
CA VAL B 14 27.71 17.45 7.32
C VAL B 14 28.12 18.13 8.62
N MET B 15 29.42 18.22 8.83
CA MET B 15 29.94 18.81 10.05
C MET B 15 31.09 19.72 9.70
N MET B 16 31.28 20.71 10.54
CA MET B 16 32.37 21.63 10.42
C MET B 16 33.65 20.93 10.91
N LYS B 17 34.73 20.97 10.13
CA LYS B 17 36.01 20.38 10.59
C LYS B 17 36.59 21.18 11.76
N LYS B 18 37.35 20.52 12.62
CA LYS B 18 38.04 21.25 13.69
C LYS B 18 39.05 22.26 13.13
N ASN B 19 39.49 22.02 11.90
CA ASN B 19 40.51 22.81 11.22
C ASN B 19 39.93 24.13 10.69
N HIS B 20 38.67 24.05 10.25
CA HIS B 20 37.79 25.20 10.07
C HIS B 20 38.18 26.51 9.46
N GLU B 21 38.10 27.51 10.34
CA GLU B 21 38.07 28.92 9.95
C GLU B 21 39.28 29.23 9.13
N MET B 22 40.22 28.29 9.14
CA MET B 22 41.45 28.44 8.36
C MET B 22 41.40 27.67 7.02
N LEU B 23 40.24 27.09 6.71
CA LEU B 23 40.06 26.40 5.44
C LEU B 23 39.07 27.16 4.56
N GLU B 24 39.04 26.83 3.28
CA GLU B 24 38.21 27.56 2.33
C GLU B 24 37.30 26.61 1.56
N GLY B 25 36.13 27.12 1.17
CA GLY B 25 35.19 26.37 0.35
C GLY B 25 34.79 25.02 0.91
N ASN B 26 34.70 24.04 0.03
CA ASN B 26 34.24 22.72 0.42
C ASN B 26 35.12 22.10 1.51
N GLU B 27 36.41 22.44 1.48
CA GLU B 27 37.36 21.95 2.48
C GLU B 27 36.96 22.15 3.95
N ARG B 28 36.14 23.15 4.22
CA ARG B 28 35.72 23.43 5.60
C ARG B 28 34.89 22.32 6.24
N TYR B 29 34.32 21.42 5.44
CA TYR B 29 33.35 20.45 5.95
C TYR B 29 33.78 19.00 5.78
N GLU B 30 33.23 18.15 6.64
CA GLU B 30 33.45 16.71 6.52
C GLU B 30 32.15 16.00 6.91
N GLY B 31 32.03 14.73 6.54
CA GLY B 31 30.87 13.95 6.93
C GLY B 31 30.39 13.03 5.82
N TYR B 32 29.44 12.17 6.15
CA TYR B 32 28.85 11.25 5.20
C TYR B 32 28.39 11.94 3.91
N CYS B 33 27.67 13.05 4.03
CA CYS B 33 27.15 13.76 2.86
C CYS B 33 28.23 14.55 2.11
N VAL B 34 29.25 14.99 2.83
CA VAL B 34 30.43 15.56 2.18
C VAL B 34 31.14 14.53 1.30
N ASP B 35 31.32 13.32 1.83
CA ASP B 35 31.90 12.21 1.05
C ASP B 35 30.98 11.77 -0.09
N LEU B 36 29.69 11.69 0.18
CA LEU B 36 28.72 11.33 -0.86
C LEU B 36 28.75 12.34 -2.01
N ALA B 37 28.74 13.61 -1.68
CA ALA B 37 28.77 14.65 -2.69
C ALA B 37 30.01 14.46 -3.57
N ALA B 38 31.13 14.16 -2.94
CA ALA B 38 32.37 13.96 -3.69
C ALA B 38 32.26 12.82 -4.70
N GLU B 39 31.76 11.66 -4.27
CA GLU B 39 31.60 10.53 -5.18
C GLU B 39 30.53 10.77 -6.27
N ILE B 40 29.42 11.40 -5.90
CA ILE B 40 28.38 11.75 -6.88
C ILE B 40 28.96 12.66 -7.96
N ALA B 41 29.67 13.70 -7.54
CA ALA B 41 30.21 14.66 -8.49
C ALA B 41 31.23 13.97 -9.39
N LYS B 42 32.05 13.10 -8.82
CA LYS B 42 33.02 12.36 -9.63
C LYS B 42 32.34 11.53 -10.72
N HIS B 43 31.29 10.79 -10.37
CA HIS B 43 30.62 9.90 -11.32
C HIS B 43 29.74 10.61 -12.35
N CYS B 44 29.32 11.84 -12.06
CA CYS B 44 28.48 12.59 -12.97
C CYS B 44 29.32 13.61 -13.70
N GLY B 45 30.54 13.80 -13.21
CA GLY B 45 31.49 14.72 -13.81
C GLY B 45 31.13 16.18 -13.74
N PHE B 46 30.80 16.67 -12.55
CA PHE B 46 30.63 18.11 -12.37
C PHE B 46 31.49 18.62 -11.21
N LYS B 47 31.78 19.91 -11.24
CA LYS B 47 32.37 20.60 -10.11
C LYS B 47 31.25 21.22 -9.26
N TYR B 48 31.47 21.36 -7.97
CA TYR B 48 30.38 21.80 -7.10
C TYR B 48 30.84 22.67 -5.95
N LYS B 49 29.91 23.47 -5.42
CA LYS B 49 30.16 24.23 -4.21
C LYS B 49 29.13 23.87 -3.16
N LEU B 50 29.59 23.44 -2.00
CA LEU B 50 28.69 23.15 -0.89
C LEU B 50 28.27 24.46 -0.23
N THR B 51 26.96 24.65 -0.08
CA THR B 51 26.45 25.81 0.64
C THR B 51 25.46 25.36 1.70
N ILE B 52 25.64 25.85 2.92
CA ILE B 52 24.73 25.49 3.98
C ILE B 52 23.44 26.26 3.82
N VAL B 53 22.32 25.56 3.93
CA VAL B 53 21.00 26.18 3.74
C VAL B 53 20.81 27.35 4.72
N GLY B 54 20.31 28.47 4.21
CA GLY B 54 20.30 29.71 4.95
C GLY B 54 19.49 29.66 6.23
N ASP B 55 18.27 29.14 6.12
CA ASP B 55 17.36 29.13 7.26
C ASP B 55 17.51 27.90 8.16
N GLY B 56 18.45 27.02 7.82
CA GLY B 56 18.75 25.86 8.64
C GLY B 56 17.67 24.80 8.73
N LYS B 57 16.75 24.78 7.78
CA LYS B 57 15.63 23.86 7.78
C LYS B 57 15.68 22.86 6.63
N TYR B 58 14.97 21.76 6.78
CA TYR B 58 14.90 20.72 5.75
C TYR B 58 13.92 21.15 4.68
N GLY B 59 12.70 21.48 5.08
CA GLY B 59 11.76 22.06 4.16
C GLY B 59 10.32 21.69 4.42
N ALA B 60 9.48 22.69 4.54
CA ALA B 60 8.05 22.47 4.62
C ALA B 60 7.32 23.65 4.00
N ARG B 61 6.04 23.43 3.71
CA ARG B 61 5.21 24.43 3.05
C ARG B 61 4.36 25.20 4.05
N ASP B 62 4.50 26.51 4.05
CA ASP B 62 3.69 27.36 4.91
C ASP B 62 2.25 27.21 4.45
N ALA B 63 1.37 26.74 5.32
CA ALA B 63 0.00 26.46 4.95
C ALA B 63 -0.76 27.70 4.47
N ASP B 64 -0.32 28.88 4.90
CA ASP B 64 -1.00 30.14 4.55
C ASP B 64 -0.56 30.66 3.19
N THR B 65 0.73 30.90 3.03
CA THR B 65 1.29 31.45 1.79
C THR B 65 1.59 30.36 0.75
N LYS B 66 1.76 29.12 1.20
CA LYS B 66 2.14 28.03 0.30
C LYS B 66 3.58 28.16 -0.21
N ILE B 67 4.37 28.99 0.46
CA ILE B 67 5.79 29.14 0.16
C ILE B 67 6.63 28.05 0.87
N TRP B 68 7.54 27.43 0.13
CA TRP B 68 8.45 26.43 0.71
C TRP B 68 9.69 27.04 1.37
N ASN B 69 10.04 26.52 2.57
CA ASN B 69 11.27 26.95 3.23
C ASN B 69 12.35 25.86 3.16
N GLY B 70 13.48 26.10 3.81
CA GLY B 70 14.54 25.11 3.92
C GLY B 70 15.14 24.68 2.59
N MET B 71 15.81 23.54 2.60
CA MET B 71 16.49 23.04 1.41
C MET B 71 15.50 22.81 0.28
N VAL B 72 14.30 22.36 0.60
CA VAL B 72 13.29 22.20 -0.42
C VAL B 72 13.02 23.52 -1.12
N GLY B 73 12.85 24.58 -0.34
CA GLY B 73 12.63 25.91 -0.87
C GLY B 73 13.76 26.38 -1.79
N GLU B 74 15.00 26.07 -1.42
CA GLU B 74 16.16 26.50 -2.20
C GLU B 74 16.16 25.85 -3.58
N LEU B 75 15.72 24.59 -3.65
CA LEU B 75 15.57 23.97 -4.97
C LEU B 75 14.35 24.52 -5.73
N VAL B 76 13.23 24.67 -5.03
CA VAL B 76 12.01 25.13 -5.69
C VAL B 76 12.16 26.53 -6.27
N TYR B 77 12.91 27.39 -5.58
CA TYR B 77 13.02 28.77 -6.02
C TYR B 77 14.29 29.10 -6.80
N GLY B 78 15.06 28.08 -7.17
CA GLY B 78 16.21 28.28 -8.05
C GLY B 78 17.50 28.76 -7.38
N LYS B 79 17.56 28.64 -6.06
CA LYS B 79 18.74 29.07 -5.31
C LYS B 79 19.83 28.00 -5.24
N ALA B 80 19.46 26.74 -5.48
CA ALA B 80 20.43 25.64 -5.46
C ALA B 80 20.11 24.67 -6.59
N ASP B 81 21.13 23.97 -7.06
CA ASP B 81 20.96 23.00 -8.15
C ASP B 81 20.68 21.58 -7.65
N ILE B 82 21.11 21.28 -6.45
CA ILE B 82 20.92 19.93 -5.94
C ILE B 82 21.03 19.96 -4.42
N ALA B 83 20.30 19.08 -3.77
CA ALA B 83 20.44 18.97 -2.33
C ALA B 83 21.02 17.64 -2.01
N ILE B 84 22.11 17.66 -1.25
CA ILE B 84 22.74 16.43 -0.78
C ILE B 84 22.75 16.48 0.73
N ALA B 85 21.80 15.79 1.34
CA ALA B 85 21.56 15.89 2.77
C ALA B 85 20.65 14.75 3.24
N PRO B 86 20.50 14.58 4.55
CA PRO B 86 19.57 13.56 5.05
C PRO B 86 18.13 14.04 4.85
N LEU B 87 17.73 14.18 3.58
CA LEU B 87 16.45 14.75 3.22
C LEU B 87 15.47 13.62 2.89
N THR B 88 14.40 13.55 3.67
CA THR B 88 13.47 12.44 3.57
C THR B 88 12.59 12.54 2.30
N ILE B 89 12.45 11.42 1.61
CA ILE B 89 11.58 11.31 0.45
C ILE B 89 10.14 11.21 0.95
N THR B 90 9.31 12.18 0.57
CA THR B 90 7.92 12.21 1.00
C THR B 90 7.00 12.57 -0.16
N LEU B 91 5.71 12.30 0.02
CA LEU B 91 4.74 12.57 -1.03
C LEU B 91 4.64 14.07 -1.35
N VAL B 92 4.48 14.92 -0.34
CA VAL B 92 4.34 16.36 -0.61
C VAL B 92 5.57 16.97 -1.27
N ARG B 93 6.75 16.47 -0.93
CA ARG B 93 7.96 16.99 -1.57
C ARG B 93 8.09 16.50 -3.01
N GLU B 94 7.79 15.22 -3.23
CA GLU B 94 7.90 14.65 -4.56
C GLU B 94 7.02 15.40 -5.56
N GLU B 95 5.98 16.03 -5.05
CA GLU B 95 5.13 16.87 -5.90
C GLU B 95 5.83 18.12 -6.43
N VAL B 96 6.88 18.59 -5.75
CA VAL B 96 7.54 19.83 -6.19
C VAL B 96 9.01 19.68 -6.56
N ILE B 97 9.66 18.60 -6.13
CA ILE B 97 11.06 18.35 -6.48
C ILE B 97 11.23 16.90 -6.91
N ASP B 98 12.38 16.60 -7.50
CA ASP B 98 12.73 15.23 -7.88
C ASP B 98 13.68 14.61 -6.88
N PHE B 99 13.50 13.32 -6.57
CA PHE B 99 14.38 12.58 -5.68
C PHE B 99 15.02 11.39 -6.37
N SER B 100 16.30 11.14 -6.10
CA SER B 100 16.90 9.89 -6.51
C SER B 100 16.28 8.73 -5.72
N LYS B 101 16.60 7.50 -6.13
CA LYS B 101 16.30 6.35 -5.30
C LYS B 101 17.06 6.56 -4.01
N PRO B 102 16.57 5.99 -2.90
CA PRO B 102 17.13 6.19 -1.55
C PRO B 102 18.60 5.80 -1.48
N PHE B 103 19.38 6.58 -0.75
CA PHE B 103 20.76 6.21 -0.49
C PHE B 103 20.92 5.70 0.95
N MET B 104 19.88 5.85 1.74
CA MET B 104 19.94 5.37 3.12
C MET B 104 18.55 5.15 3.67
N SER B 105 18.42 4.09 4.46
CA SER B 105 17.14 3.75 5.09
C SER B 105 17.05 4.34 6.50
N LEU B 106 15.83 4.62 6.95
CA LEU B 106 15.60 5.08 8.31
C LEU B 106 14.14 4.98 8.69
N GLY B 107 13.85 5.14 9.98
CA GLY B 107 12.48 5.24 10.47
C GLY B 107 12.42 6.24 11.60
N ILE B 108 11.23 6.73 11.91
CA ILE B 108 11.07 7.60 13.06
C ILE B 108 11.29 6.72 14.31
N SER B 109 11.97 7.26 15.31
CA SER B 109 12.33 6.53 16.52
C SER B 109 12.31 7.45 17.71
N ILE B 110 12.39 6.84 18.88
CA ILE B 110 12.30 7.57 20.13
C ILE B 110 13.65 7.63 20.82
N MET B 111 14.10 8.84 21.12
CA MET B 111 15.29 9.02 21.93
C MET B 111 14.89 9.39 23.35
N ILE B 112 15.41 8.63 24.34
CA ILE B 112 15.21 8.96 25.74
C ILE B 112 16.54 9.14 26.48
N LYS B 113 16.51 9.91 27.56
CA LYS B 113 17.60 9.92 28.52
C LYS B 113 17.63 8.54 29.20
N LYS B 114 18.83 7.96 29.37
CA LYS B 114 18.95 6.62 29.94
C LYS B 114 18.21 6.51 31.27
N GLY B 115 17.41 5.47 31.42
CA GLY B 115 16.71 5.20 32.67
C GLY B 115 15.27 5.64 32.65
N THR B 116 14.91 6.42 31.62
CA THR B 116 13.55 6.93 31.47
C THR B 116 12.61 5.75 31.30
N PRO B 117 11.51 5.72 32.08
CA PRO B 117 10.55 4.61 32.05
C PRO B 117 9.67 4.63 30.80
N ILE B 118 10.26 4.44 29.63
CA ILE B 118 9.48 4.44 28.40
C ILE B 118 9.99 3.37 27.44
N GLU B 119 9.09 2.53 26.94
CA GLU B 119 9.48 1.42 26.08
C GLU B 119 9.03 1.56 24.63
N SER B 120 8.13 2.52 24.37
CA SER B 120 7.47 2.58 23.07
C SER B 120 6.64 3.86 22.88
N ALA B 121 6.16 4.06 21.65
CA ALA B 121 5.29 5.19 21.36
C ALA B 121 3.97 5.05 22.12
N GLU B 122 3.44 3.83 22.15
CA GLU B 122 2.25 3.58 22.95
C GLU B 122 2.44 4.05 24.39
N ASP B 123 3.57 3.66 24.98
CA ASP B 123 3.93 4.10 26.33
C ASP B 123 3.87 5.63 26.45
N LEU B 124 4.47 6.32 25.49
CA LEU B 124 4.49 7.78 25.52
C LEU B 124 3.09 8.36 25.51
N SER B 125 2.23 7.81 24.67
CA SER B 125 0.89 8.35 24.45
C SER B 125 -0.04 8.08 25.62
N LYS B 126 0.34 7.17 26.50
CA LYS B 126 -0.49 6.78 27.65
C LYS B 126 -0.23 7.59 28.91
N GLN B 127 0.62 8.61 28.83
CA GLN B 127 1.05 9.32 30.04
C GLN B 127 1.35 10.78 29.76
N THR B 128 1.64 11.53 30.81
CA THR B 128 1.80 12.97 30.68
C THR B 128 3.01 13.51 31.43
N GLU B 129 3.59 12.70 32.30
CA GLU B 129 4.73 13.14 33.09
C GLU B 129 5.93 13.42 32.19
N ILE B 130 6.08 12.64 31.15
CA ILE B 130 7.18 12.86 30.21
C ILE B 130 6.70 13.57 28.95
N ALA B 131 7.25 14.75 28.69
CA ALA B 131 6.91 15.50 27.48
C ALA B 131 7.69 14.98 26.29
N TYR B 132 7.14 15.15 25.10
CA TYR B 132 7.83 14.70 23.89
C TYR B 132 7.46 15.53 22.66
N GLY B 133 8.41 15.71 21.75
CA GLY B 133 8.17 16.50 20.56
C GLY B 133 9.09 16.10 19.42
N THR B 134 9.03 16.87 18.34
CA THR B 134 9.83 16.61 17.15
C THR B 134 10.48 17.88 16.62
N LEU B 135 11.29 17.73 15.58
CA LEU B 135 11.90 18.85 14.87
C LEU B 135 10.83 19.63 14.10
N ASP B 136 10.97 20.94 14.05
CA ASP B 136 10.12 21.79 13.20
C ASP B 136 10.52 21.71 11.72
N SER B 137 9.55 21.91 10.83
CA SER B 137 9.81 22.00 9.39
C SER B 137 10.46 20.76 8.79
N GLY B 138 10.18 19.60 9.39
CA GLY B 138 10.71 18.33 8.92
C GLY B 138 9.62 17.30 8.67
N SER B 139 10.04 16.15 8.12
CA SER B 139 9.10 15.09 7.75
C SER B 139 8.50 14.36 8.95
N THR B 140 9.21 14.41 10.09
CA THR B 140 8.72 13.75 11.29
C THR B 140 7.50 14.47 11.83
N LYS B 141 7.56 15.79 11.91
CA LYS B 141 6.40 16.55 12.36
C LYS B 141 5.21 16.28 11.43
N GLU B 142 5.49 16.22 10.14
CA GLU B 142 4.41 16.03 9.17
C GLU B 142 3.80 14.64 9.29
N PHE B 143 4.63 13.66 9.59
CA PHE B 143 4.16 12.30 9.79
C PHE B 143 3.09 12.25 10.88
N PHE B 144 3.33 12.96 11.98
CA PHE B 144 2.38 12.95 13.08
C PHE B 144 1.14 13.77 12.78
N ARG B 145 1.33 14.91 12.10
CA ARG B 145 0.22 15.79 11.73
C ARG B 145 -0.76 15.06 10.81
N ARG B 146 -0.23 14.15 10.00
CA ARG B 146 -1.03 13.43 9.01
C ARG B 146 -1.50 12.05 9.43
N SER B 147 -0.99 11.53 10.55
CA SER B 147 -1.22 10.13 10.88
C SER B 147 -2.61 9.77 11.37
N LYS B 148 -3.13 8.68 10.82
CA LYS B 148 -4.47 8.19 11.15
C LYS B 148 -4.37 7.06 12.16
N ILE B 149 -3.16 6.71 12.55
CA ILE B 149 -2.98 5.61 13.48
C ILE B 149 -3.34 6.14 14.86
N ALA B 150 -4.00 5.31 15.67
CA ALA B 150 -4.56 5.74 16.94
C ALA B 150 -3.51 6.30 17.89
N VAL B 151 -2.41 5.57 18.04
CA VAL B 151 -1.32 6.01 18.90
C VAL B 151 -0.76 7.35 18.43
N PHE B 152 -0.39 7.41 17.15
CA PHE B 152 0.29 8.59 16.61
C PHE B 152 -0.62 9.81 16.59
N ASP B 153 -1.87 9.63 16.18
CA ASP B 153 -2.84 10.72 16.16
C ASP B 153 -3.01 11.34 17.54
N LYS B 154 -3.16 10.48 18.56
CA LYS B 154 -3.26 10.92 19.94
C LYS B 154 -1.97 11.62 20.39
N MET B 155 -0.84 11.19 19.83
CA MET B 155 0.43 11.82 20.17
C MET B 155 0.45 13.23 19.60
N TRP B 156 -0.02 13.35 18.38
CA TRP B 156 -0.09 14.65 17.70
C TRP B 156 -0.97 15.63 18.48
N THR B 157 -2.12 15.15 18.91
CA THR B 157 -3.06 15.98 19.66
C THR B 157 -2.38 16.57 20.88
N TYR B 158 -1.55 15.78 21.54
CA TYR B 158 -0.82 16.26 22.69
C TYR B 158 0.26 17.24 22.28
N MET B 159 1.00 16.91 21.22
CA MET B 159 2.15 17.72 20.82
C MET B 159 1.71 19.07 20.29
N ARG B 160 0.69 19.07 19.45
CA ARG B 160 0.30 20.29 18.75
C ARG B 160 -0.21 21.36 19.69
N SER B 161 -0.54 20.99 20.92
CA SER B 161 -1.09 21.96 21.85
C SER B 161 -0.41 22.02 23.22
N ALA B 162 0.71 21.32 23.38
CA ALA B 162 1.45 21.35 24.64
C ALA B 162 2.15 22.70 24.89
N GLU B 163 2.26 23.06 26.16
CA GLU B 163 2.92 24.31 26.55
C GLU B 163 3.79 24.11 27.79
N PRO B 164 5.06 24.55 27.73
CA PRO B 164 5.65 25.25 26.59
C PRO B 164 5.81 24.32 25.41
N SER B 165 6.13 24.86 24.24
CA SER B 165 6.23 24.08 23.02
C SER B 165 7.19 22.91 23.18
N VAL B 166 6.84 21.80 22.54
CA VAL B 166 7.68 20.60 22.56
C VAL B 166 8.53 20.48 21.29
N PHE B 167 8.31 21.36 20.32
CA PHE B 167 9.05 21.30 19.07
C PHE B 167 10.37 22.06 19.21
N VAL B 168 11.37 21.67 18.43
CA VAL B 168 12.67 22.31 18.46
C VAL B 168 13.10 22.72 17.06
N ARG B 169 13.98 23.71 16.98
CA ARG B 169 14.40 24.25 15.69
C ARG B 169 15.52 23.48 14.99
N THR B 170 16.33 22.78 15.77
CA THR B 170 17.36 21.89 15.23
C THR B 170 17.43 20.58 16.03
N THR B 171 18.06 19.58 15.43
CA THR B 171 18.25 18.30 16.10
C THR B 171 19.14 18.47 17.33
N ALA B 172 20.18 19.28 17.23
CA ALA B 172 21.04 19.58 18.38
C ALA B 172 20.23 20.03 19.58
N GLU B 173 19.28 20.92 19.32
CA GLU B 173 18.38 21.43 20.36
C GLU B 173 17.51 20.31 20.96
N GLY B 174 16.90 19.49 20.12
CA GLY B 174 16.14 18.35 20.62
C GLY B 174 16.97 17.48 21.56
N VAL B 175 18.19 17.13 21.14
CA VAL B 175 19.03 16.22 21.91
C VAL B 175 19.44 16.83 23.24
N ALA B 176 19.84 18.10 23.21
CA ALA B 176 20.26 18.77 24.43
C ALA B 176 19.08 18.92 25.39
N ARG B 177 17.88 19.08 24.85
CA ARG B 177 16.68 19.12 25.68
C ARG B 177 16.46 17.81 26.44
N VAL B 178 16.53 16.69 25.73
CA VAL B 178 16.53 15.36 26.36
C VAL B 178 17.58 15.29 27.48
N ARG B 179 18.83 15.60 27.13
CA ARG B 179 19.97 15.45 28.04
C ARG B 179 19.88 16.28 29.32
N LYS B 180 19.18 17.40 29.27
CA LYS B 180 19.08 18.29 30.43
C LYS B 180 17.70 18.30 31.11
N SER B 181 16.81 17.43 30.66
CA SER B 181 15.46 17.43 31.24
C SER B 181 15.23 16.28 32.24
N LYS B 182 16.32 15.61 32.61
CA LYS B 182 16.26 14.59 33.66
C LYS B 182 15.18 13.54 33.42
N GLY B 183 15.06 13.11 32.17
CA GLY B 183 14.12 12.07 31.82
C GLY B 183 12.71 12.57 31.59
N LYS B 184 12.50 13.87 31.72
CA LYS B 184 11.14 14.41 31.56
C LYS B 184 10.80 14.81 30.12
N TYR B 185 11.76 14.65 29.21
CA TYR B 185 11.51 14.94 27.78
C TYR B 185 12.06 13.83 26.90
N ALA B 186 11.20 13.30 26.04
CA ALA B 186 11.60 12.36 24.99
C ALA B 186 11.56 13.07 23.63
N TYR B 187 12.44 12.65 22.74
CA TYR B 187 12.57 13.30 21.44
C TYR B 187 12.34 12.31 20.30
N LEU B 188 11.41 12.66 19.40
CA LEU B 188 11.13 11.83 18.23
C LEU B 188 11.94 12.29 17.04
N LEU B 189 12.78 11.41 16.52
CA LEU B 189 13.73 11.75 15.49
C LEU B 189 14.12 10.53 14.70
N GLU B 190 14.70 10.74 13.53
CA GLU B 190 15.00 9.64 12.64
C GLU B 190 16.09 8.70 13.19
N SER B 191 15.91 7.41 12.97
CA SER B 191 16.72 6.39 13.64
C SER B 191 18.21 6.52 13.36
N THR B 192 18.55 7.03 12.17
CA THR B 192 19.94 7.27 11.79
C THR B 192 20.62 8.27 12.74
N MET B 193 19.97 9.40 12.99
CA MET B 193 20.47 10.40 13.94
C MET B 193 20.51 9.90 15.37
N ASN B 194 19.45 9.19 15.76
CA ASN B 194 19.32 8.67 17.11
C ASN B 194 20.49 7.73 17.40
N GLU B 195 20.73 6.81 16.48
CA GLU B 195 21.79 5.81 16.61
C GLU B 195 23.16 6.45 16.63
N TYR B 196 23.34 7.49 15.83
CA TYR B 196 24.60 8.22 15.88
C TYR B 196 24.86 8.82 17.26
N ILE B 197 23.88 9.50 17.81
CA ILE B 197 24.03 10.18 19.10
C ILE B 197 24.23 9.17 20.24
N GLU B 198 23.53 8.05 20.16
CA GLU B 198 23.63 6.98 21.15
C GLU B 198 25.09 6.50 21.34
N GLN B 199 25.92 6.71 20.32
CA GLN B 199 27.33 6.28 20.37
C GLN B 199 28.33 7.41 20.62
N ARG B 200 27.85 8.59 21.03
CA ARG B 200 28.75 9.70 21.31
C ARG B 200 28.71 10.07 22.77
N LYS B 201 29.83 10.54 23.32
CA LYS B 201 29.85 11.07 24.68
C LYS B 201 28.86 12.23 24.76
N PRO B 202 28.18 12.41 25.89
CA PRO B 202 28.33 11.76 27.20
C PRO B 202 27.62 10.42 27.31
N CYS B 203 27.25 9.81 26.19
CA CYS B 203 26.64 8.48 26.21
C CYS B 203 25.47 8.38 27.18
N ASP B 204 24.56 9.35 27.16
CA ASP B 204 23.50 9.35 28.16
C ASP B 204 22.12 9.18 27.57
N THR B 205 22.07 8.96 26.26
CA THR B 205 20.78 8.77 25.62
C THR B 205 20.69 7.39 25.02
N MET B 206 19.48 7.03 24.61
CA MET B 206 19.21 5.69 24.16
C MET B 206 18.06 5.72 23.18
N LYS B 207 18.17 4.94 22.13
CA LYS B 207 17.06 4.70 21.23
C LYS B 207 16.23 3.59 21.82
N VAL B 208 14.93 3.83 22.01
CA VAL B 208 14.07 2.76 22.52
C VAL B 208 12.91 2.44 21.60
N GLY B 209 12.58 1.16 21.51
CA GLY B 209 11.46 0.74 20.69
C GLY B 209 11.89 0.53 19.25
N GLY B 210 11.00 -0.02 18.44
CA GLY B 210 11.27 -0.18 17.03
C GLY B 210 11.02 1.15 16.33
N ASN B 211 11.30 1.19 15.04
CA ASN B 211 10.97 2.36 14.24
C ASN B 211 9.46 2.45 14.03
N LEU B 212 8.95 3.68 13.95
CA LEU B 212 7.51 3.91 13.79
C LEU B 212 7.10 3.84 12.31
N ASP B 213 8.08 3.97 11.42
CA ASP B 213 7.80 3.85 10.00
C ASP B 213 9.07 3.44 9.25
N SER B 214 8.96 3.28 7.95
CA SER B 214 10.11 2.92 7.11
C SER B 214 10.18 3.80 5.87
N LYS B 215 11.34 4.39 5.65
CA LYS B 215 11.51 5.25 4.50
C LYS B 215 12.99 5.48 4.20
N GLY B 216 13.28 6.51 3.40
CA GLY B 216 14.65 6.72 2.98
C GLY B 216 14.98 8.16 2.71
N TYR B 217 16.27 8.44 2.62
CA TYR B 217 16.75 9.74 2.18
C TYR B 217 17.11 9.62 0.72
N GLY B 218 16.83 10.68 -0.04
CA GLY B 218 17.21 10.73 -1.43
C GLY B 218 17.90 12.04 -1.74
N ILE B 219 18.70 12.04 -2.81
CA ILE B 219 19.31 13.26 -3.31
C ILE B 219 18.27 13.99 -4.14
N ALA B 220 18.07 15.27 -3.86
CA ALA B 220 16.96 15.97 -4.50
C ALA B 220 17.44 16.97 -5.54
N THR B 221 16.66 17.09 -6.61
CA THR B 221 16.92 18.09 -7.63
C THR B 221 15.62 18.82 -8.00
N PRO B 222 15.75 20.01 -8.60
CA PRO B 222 14.58 20.77 -9.09
C PRO B 222 13.80 19.91 -10.09
N LYS B 223 12.48 20.05 -10.11
CA LYS B 223 11.64 19.31 -11.05
C LYS B 223 12.16 19.39 -12.47
N GLY B 224 12.32 18.23 -13.09
CA GLY B 224 12.70 18.18 -14.49
C GLY B 224 14.14 18.54 -14.76
N SER B 225 14.93 18.78 -13.71
CA SER B 225 16.37 19.09 -13.89
C SER B 225 17.08 17.94 -14.62
N SER B 226 18.02 18.29 -15.48
CA SER B 226 18.75 17.29 -16.26
C SER B 226 19.74 16.49 -15.42
N LEU B 227 20.23 17.10 -14.34
CA LEU B 227 21.08 16.43 -13.36
C LEU B 227 20.47 15.16 -12.76
N GLY B 228 19.15 15.16 -12.60
CA GLY B 228 18.45 14.10 -11.89
C GLY B 228 18.74 12.70 -12.38
N ASN B 229 18.73 12.51 -13.71
CA ASN B 229 18.96 11.19 -14.29
C ASN B 229 20.34 10.64 -13.91
N ALA B 230 21.38 11.43 -14.17
CA ALA B 230 22.75 11.03 -13.88
C ALA B 230 22.94 10.75 -12.38
N VAL B 231 22.45 11.67 -11.55
CA VAL B 231 22.52 11.52 -10.11
C VAL B 231 21.90 10.21 -9.63
N ASN B 232 20.71 9.91 -10.13
CA ASN B 232 20.04 8.68 -9.72
C ASN B 232 20.89 7.45 -10.06
N LEU B 233 21.43 7.42 -11.29
CA LEU B 233 22.25 6.29 -11.71
C LEU B 233 23.52 6.21 -10.87
N ALA B 234 24.08 7.35 -10.50
CA ALA B 234 25.27 7.38 -9.66
C ALA B 234 24.98 6.75 -8.32
N VAL B 235 23.80 7.06 -7.76
CA VAL B 235 23.45 6.51 -6.46
C VAL B 235 23.30 4.99 -6.56
N LEU B 236 22.67 4.50 -7.61
CA LEU B 236 22.52 3.05 -7.73
C LEU B 236 23.90 2.39 -7.85
N LYS B 237 24.78 2.97 -8.64
CA LYS B 237 26.13 2.45 -8.78
C LYS B 237 26.85 2.39 -7.45
N LEU B 238 26.75 3.46 -6.66
CA LEU B 238 27.43 3.55 -5.36
C LEU B 238 26.86 2.54 -4.38
N SER B 239 25.56 2.36 -4.46
CA SER B 239 24.88 1.36 -3.65
C SER B 239 25.45 -0.01 -3.95
N GLU B 240 25.42 -0.39 -5.22
CA GLU B 240 25.84 -1.73 -5.61
C GLU B 240 27.32 -2.00 -5.37
N GLN B 241 28.16 -0.98 -5.57
CA GLN B 241 29.60 -1.14 -5.38
C GLN B 241 29.97 -1.23 -3.89
N GLY B 242 29.01 -0.96 -3.02
CA GLY B 242 29.22 -1.09 -1.59
C GLY B 242 29.67 0.19 -0.90
N LEU B 243 29.89 1.23 -1.68
CA LEU B 243 30.37 2.50 -1.13
C LEU B 243 29.46 3.08 -0.05
N LEU B 244 28.16 2.95 -0.22
CA LEU B 244 27.22 3.45 0.79
C LEU B 244 27.39 2.75 2.14
N ASP B 245 27.58 1.43 2.14
CA ASP B 245 27.76 0.70 3.39
C ASP B 245 29.08 1.08 4.06
N LYS B 246 30.10 1.22 3.23
CA LYS B 246 31.41 1.73 3.66
C LYS B 246 31.29 3.08 4.34
N LEU B 247 30.63 4.04 3.69
CA LEU B 247 30.44 5.36 4.26
C LEU B 247 29.73 5.31 5.63
N LYS B 248 28.66 4.53 5.73
CA LYS B 248 27.93 4.48 6.99
C LYS B 248 28.80 3.91 8.10
N ASN B 249 29.55 2.86 7.80
CA ASN B 249 30.44 2.28 8.80
C ASN B 249 31.46 3.31 9.25
N LYS B 250 31.97 4.09 8.31
CA LYS B 250 33.00 5.06 8.63
C LYS B 250 32.48 6.14 9.58
N TRP B 251 31.25 6.58 9.37
CA TRP B 251 30.76 7.77 10.06
C TRP B 251 29.91 7.47 11.28
N TRP B 252 29.33 6.27 11.34
CA TRP B 252 28.57 5.90 12.50
C TRP B 252 29.42 5.10 13.48
N TYR B 253 29.96 3.99 13.00
CA TYR B 253 30.46 2.98 13.90
C TYR B 253 31.97 3.01 14.15
N ASP B 254 32.75 3.18 13.10
CA ASP B 254 34.19 3.35 13.27
C ASP B 254 34.47 4.48 14.26
N LYS B 255 33.57 5.44 14.31
CA LYS B 255 33.74 6.62 15.17
C LYS B 255 33.18 6.45 16.59
N GLY B 256 32.51 5.33 16.85
CA GLY B 256 31.85 5.10 18.14
C GLY B 256 32.70 5.43 19.36
N GLU B 257 32.07 6.01 20.37
CA GLU B 257 32.76 6.42 21.61
C GLU B 257 32.26 5.69 22.86
N CYS B 258 31.05 5.15 22.79
CA CYS B 258 30.40 4.57 23.96
C CYS B 258 30.67 3.07 24.07
N LYS C 1 -43.11 -4.18 -29.21
CA LYS C 1 -41.70 -4.12 -28.84
C LYS C 1 -41.39 -4.79 -27.49
N THR C 2 -40.36 -5.60 -27.47
CA THR C 2 -39.90 -6.26 -26.27
C THR C 2 -39.14 -5.27 -25.38
N VAL C 3 -39.66 -5.04 -24.19
CA VAL C 3 -39.04 -4.13 -23.23
C VAL C 3 -37.72 -4.67 -22.67
N VAL C 4 -36.65 -3.89 -22.81
CA VAL C 4 -35.37 -4.30 -22.24
C VAL C 4 -35.28 -3.93 -20.76
N VAL C 5 -35.21 -4.93 -19.90
CA VAL C 5 -35.16 -4.71 -18.46
C VAL C 5 -33.74 -4.87 -17.95
N THR C 6 -33.20 -3.84 -17.30
CA THR C 6 -31.87 -3.95 -16.73
C THR C 6 -32.01 -4.29 -15.24
N THR C 7 -31.18 -5.21 -14.77
CA THR C 7 -31.23 -5.61 -13.37
C THR C 7 -29.82 -6.04 -12.95
N ILE C 8 -29.67 -6.54 -11.73
CA ILE C 8 -28.33 -6.83 -11.23
C ILE C 8 -28.40 -8.10 -10.42
N LEU C 9 -27.34 -8.91 -10.45
CA LEU C 9 -27.31 -10.14 -9.66
C LEU C 9 -27.10 -9.83 -8.20
N GLU C 10 -28.16 -9.89 -7.42
CA GLU C 10 -28.13 -9.56 -6.00
C GLU C 10 -29.15 -10.44 -5.32
N SER C 11 -28.70 -11.34 -4.44
CA SER C 11 -29.62 -12.23 -3.73
C SER C 11 -30.41 -11.44 -2.69
N PRO C 12 -31.70 -11.76 -2.54
CA PRO C 12 -32.49 -12.75 -3.27
C PRO C 12 -33.33 -12.09 -4.38
N TYR C 13 -32.88 -10.94 -4.88
CA TYR C 13 -33.64 -10.19 -5.88
C TYR C 13 -33.56 -10.86 -7.23
N VAL C 14 -32.34 -11.16 -7.67
CA VAL C 14 -32.11 -11.85 -8.94
C VAL C 14 -30.93 -12.78 -8.77
N MET C 15 -31.16 -14.05 -9.07
CA MET C 15 -30.14 -15.07 -8.88
C MET C 15 -30.19 -15.99 -10.08
N MET C 16 -29.02 -16.51 -10.46
CA MET C 16 -28.93 -17.58 -11.44
C MET C 16 -29.46 -18.87 -10.85
N LYS C 17 -30.42 -19.49 -11.52
CA LYS C 17 -30.89 -20.80 -11.07
C LYS C 17 -29.74 -21.79 -11.19
N LYS C 18 -29.68 -22.72 -10.24
CA LYS C 18 -28.64 -23.73 -10.25
C LYS C 18 -28.60 -24.45 -11.59
N ASN C 19 -27.42 -24.48 -12.20
CA ASN C 19 -27.19 -25.16 -13.49
C ASN C 19 -27.88 -24.58 -14.71
N HIS C 20 -28.22 -23.30 -14.65
CA HIS C 20 -28.94 -22.67 -15.73
C HIS C 20 -28.10 -21.70 -16.57
N GLU C 21 -26.79 -21.67 -16.32
CA GLU C 21 -25.91 -20.70 -16.97
C GLU C 21 -25.96 -20.73 -18.50
N MET C 22 -26.31 -21.89 -19.07
CA MET C 22 -26.28 -22.04 -20.51
C MET C 22 -27.67 -22.15 -21.14
N LEU C 23 -28.69 -22.04 -20.29
CA LEU C 23 -30.06 -22.06 -20.78
C LEU C 23 -30.39 -20.70 -21.44
N GLU C 24 -31.64 -20.50 -21.82
CA GLU C 24 -32.02 -19.35 -22.63
C GLU C 24 -33.01 -18.40 -21.96
N GLY C 25 -32.78 -17.10 -22.15
CA GLY C 25 -33.76 -16.09 -21.81
C GLY C 25 -34.08 -15.98 -20.33
N ASN C 26 -35.32 -15.56 -20.06
CA ASN C 26 -35.73 -15.17 -18.73
C ASN C 26 -35.74 -16.32 -17.71
N GLU C 27 -35.94 -17.54 -18.19
CA GLU C 27 -36.01 -18.72 -17.33
C GLU C 27 -34.77 -18.90 -16.44
N ARG C 28 -33.61 -18.47 -16.93
CA ARG C 28 -32.37 -18.69 -16.20
C ARG C 28 -32.44 -18.17 -14.77
N TYR C 29 -33.21 -17.10 -14.56
CA TYR C 29 -33.14 -16.33 -13.31
C TYR C 29 -34.31 -16.57 -12.37
N GLU C 30 -34.05 -16.42 -11.08
CA GLU C 30 -35.12 -16.46 -10.09
C GLU C 30 -34.88 -15.38 -9.05
N GLY C 31 -35.94 -15.01 -8.31
CA GLY C 31 -35.79 -14.06 -7.23
C GLY C 31 -36.97 -13.11 -7.06
N TYR C 32 -36.91 -12.30 -6.02
CA TYR C 32 -37.97 -11.33 -5.76
C TYR C 32 -38.26 -10.47 -7.00
N CYS C 33 -37.21 -9.89 -7.60
CA CYS C 33 -37.40 -9.00 -8.74
C CYS C 33 -37.76 -9.71 -10.03
N VAL C 34 -37.41 -10.98 -10.15
CA VAL C 34 -37.85 -11.76 -11.30
C VAL C 34 -39.35 -11.97 -11.21
N ASP C 35 -39.84 -12.24 -9.99
CA ASP C 35 -41.28 -12.36 -9.74
C ASP C 35 -41.96 -10.99 -9.93
N LEU C 36 -41.34 -9.92 -9.44
CA LEU C 36 -41.92 -8.58 -9.59
C LEU C 36 -42.03 -8.20 -11.08
N ALA C 37 -40.95 -8.43 -11.82
CA ALA C 37 -40.94 -8.11 -13.23
C ALA C 37 -42.09 -8.83 -13.92
N ALA C 38 -42.31 -10.10 -13.57
CA ALA C 38 -43.46 -10.80 -14.14
C ALA C 38 -44.85 -10.15 -13.87
N GLU C 39 -45.14 -9.75 -12.64
CA GLU C 39 -46.44 -9.14 -12.33
C GLU C 39 -46.58 -7.78 -13.00
N ILE C 40 -45.48 -7.03 -13.01
CA ILE C 40 -45.45 -5.69 -13.62
C ILE C 40 -45.79 -5.78 -15.11
N ALA C 41 -45.12 -6.69 -15.81
CA ALA C 41 -45.30 -6.87 -17.24
C ALA C 41 -46.72 -7.36 -17.54
N LYS C 42 -47.22 -8.20 -16.67
CA LYS C 42 -48.60 -8.68 -16.82
C LYS C 42 -49.60 -7.54 -16.66
N HIS C 43 -49.39 -6.68 -15.66
CA HIS C 43 -50.33 -5.63 -15.39
C HIS C 43 -50.26 -4.46 -16.38
N CYS C 44 -49.09 -4.25 -16.98
CA CYS C 44 -48.93 -3.18 -17.97
C CYS C 44 -49.04 -3.75 -19.37
N GLY C 45 -48.96 -5.07 -19.47
CA GLY C 45 -49.14 -5.77 -20.74
C GLY C 45 -48.01 -5.60 -21.71
N PHE C 46 -46.79 -5.92 -21.29
CA PHE C 46 -45.68 -5.92 -22.24
C PHE C 46 -44.88 -7.21 -22.19
N LYS C 47 -44.11 -7.45 -23.25
CA LYS C 47 -43.14 -8.53 -23.26
C LYS C 47 -41.79 -7.94 -22.88
N TYR C 48 -40.94 -8.72 -22.24
CA TYR C 48 -39.69 -8.17 -21.73
C TYR C 48 -38.55 -9.17 -21.80
N LYS C 49 -37.33 -8.64 -21.79
CA LYS C 49 -36.14 -9.46 -21.74
C LYS C 49 -35.30 -8.98 -20.57
N LEU C 50 -35.02 -9.90 -19.66
CA LEU C 50 -34.17 -9.61 -18.51
C LEU C 50 -32.69 -9.59 -18.88
N THR C 51 -31.99 -8.51 -18.55
CA THR C 51 -30.56 -8.45 -18.82
C THR C 51 -29.85 -7.96 -17.57
N ILE C 52 -28.68 -8.53 -17.30
CA ILE C 52 -27.88 -8.12 -16.14
C ILE C 52 -26.98 -6.96 -16.52
N VAL C 53 -27.06 -5.86 -15.76
CA VAL C 53 -26.25 -4.68 -16.01
C VAL C 53 -24.77 -5.02 -16.26
N GLY C 54 -24.22 -4.53 -17.38
CA GLY C 54 -22.86 -4.86 -17.79
C GLY C 54 -21.74 -4.64 -16.78
N ASP C 55 -21.71 -3.49 -16.11
CA ASP C 55 -20.63 -3.24 -15.16
C ASP C 55 -20.96 -3.67 -13.73
N GLY C 56 -22.11 -4.32 -13.55
CA GLY C 56 -22.51 -4.85 -12.26
C GLY C 56 -22.67 -3.83 -11.14
N LYS C 57 -23.01 -2.59 -11.49
CA LYS C 57 -23.17 -1.52 -10.51
C LYS C 57 -24.58 -0.96 -10.47
N TYR C 58 -24.93 -0.31 -9.36
CA TYR C 58 -26.25 0.28 -9.21
C TYR C 58 -26.38 1.57 -10.00
N GLY C 59 -25.45 2.49 -9.79
CA GLY C 59 -25.40 3.72 -10.56
C GLY C 59 -25.04 4.96 -9.78
N ALA C 60 -23.95 5.59 -10.19
CA ALA C 60 -23.52 6.87 -9.64
C ALA C 60 -22.87 7.66 -10.76
N ARG C 61 -22.74 8.96 -10.54
CA ARG C 61 -22.19 9.86 -11.54
C ARG C 61 -20.72 10.14 -11.22
N ASP C 62 -19.81 9.79 -12.12
CA ASP C 62 -18.39 10.10 -11.95
C ASP C 62 -18.19 11.60 -11.82
N ALA C 63 -17.43 12.03 -10.82
CA ALA C 63 -17.26 13.46 -10.53
C ALA C 63 -16.45 14.18 -11.60
N ASP C 64 -15.56 13.44 -12.26
CA ASP C 64 -14.74 13.99 -13.34
C ASP C 64 -15.50 14.03 -14.66
N THR C 65 -15.80 12.86 -15.22
CA THR C 65 -16.49 12.78 -16.51
C THR C 65 -17.98 13.11 -16.45
N LYS C 66 -18.55 13.15 -15.25
CA LYS C 66 -19.99 13.37 -15.08
C LYS C 66 -20.81 12.29 -15.79
N ILE C 67 -20.18 11.16 -16.05
CA ILE C 67 -20.87 10.04 -16.70
C ILE C 67 -21.48 9.05 -15.70
N TRP C 68 -22.76 8.72 -15.89
CA TRP C 68 -23.49 7.77 -15.06
C TRP C 68 -23.13 6.33 -15.40
N ASN C 69 -22.84 5.53 -14.39
CA ASN C 69 -22.59 4.11 -14.60
C ASN C 69 -23.75 3.24 -14.12
N GLY C 70 -23.59 1.93 -14.25
CA GLY C 70 -24.53 1.00 -13.66
C GLY C 70 -25.90 1.04 -14.28
N MET C 71 -26.92 0.66 -13.52
CA MET C 71 -28.26 0.59 -14.08
C MET C 71 -28.78 1.98 -14.39
N VAL C 72 -28.35 2.97 -13.62
CA VAL C 72 -28.81 4.32 -13.87
C VAL C 72 -28.34 4.74 -15.27
N GLY C 73 -27.06 4.50 -15.55
CA GLY C 73 -26.50 4.81 -16.85
C GLY C 73 -27.14 4.06 -18.01
N GLU C 74 -27.47 2.79 -17.80
CA GLU C 74 -28.15 2.05 -18.84
C GLU C 74 -29.43 2.79 -19.22
N LEU C 75 -30.13 3.32 -18.23
CA LEU C 75 -31.37 4.05 -18.51
C LEU C 75 -31.05 5.40 -19.15
N VAL C 76 -30.06 6.09 -18.59
CA VAL C 76 -29.74 7.44 -19.04
C VAL C 76 -29.31 7.47 -20.51
N TYR C 77 -28.51 6.49 -20.92
CA TYR C 77 -27.93 6.49 -22.27
C TYR C 77 -28.68 5.61 -23.27
N GLY C 78 -29.86 5.14 -22.88
CA GLY C 78 -30.75 4.48 -23.81
C GLY C 78 -30.46 3.00 -24.04
N LYS C 79 -29.79 2.36 -23.09
CA LYS C 79 -29.44 0.94 -23.25
C LYS C 79 -30.52 0.02 -22.72
N ALA C 80 -31.42 0.56 -21.89
CA ALA C 80 -32.48 -0.25 -21.32
C ALA C 80 -33.77 0.57 -21.25
N ASP C 81 -34.91 -0.10 -21.18
CA ASP C 81 -36.17 0.60 -21.07
C ASP C 81 -36.64 0.79 -19.62
N ILE C 82 -36.22 -0.09 -18.73
CA ILE C 82 -36.71 -0.04 -17.37
C ILE C 82 -35.73 -0.81 -16.51
N ALA C 83 -35.63 -0.44 -15.23
CA ALA C 83 -34.79 -1.17 -14.30
C ALA C 83 -35.67 -1.72 -13.19
N ILE C 84 -35.56 -3.02 -12.97
CA ILE C 84 -36.33 -3.66 -11.91
C ILE C 84 -35.31 -4.32 -11.02
N ALA C 85 -35.04 -3.68 -9.90
CA ALA C 85 -33.89 -4.04 -9.09
C ALA C 85 -34.03 -3.41 -7.70
N PRO C 86 -33.19 -3.82 -6.76
CA PRO C 86 -33.20 -3.12 -5.46
C PRO C 86 -32.51 -1.77 -5.60
N LEU C 87 -33.11 -0.87 -6.38
CA LEU C 87 -32.51 0.42 -6.71
C LEU C 87 -33.12 1.53 -5.85
N THR C 88 -32.28 2.16 -5.04
CA THR C 88 -32.75 3.16 -4.08
C THR C 88 -33.20 4.47 -4.73
N ILE C 89 -34.40 4.93 -4.35
CA ILE C 89 -34.89 6.24 -4.75
C ILE C 89 -34.05 7.32 -4.08
N THR C 90 -33.28 8.07 -4.86
CA THR C 90 -32.51 9.19 -4.30
C THR C 90 -32.74 10.48 -5.11
N LEU C 91 -32.47 11.62 -4.49
CA LEU C 91 -32.60 12.92 -5.15
C LEU C 91 -31.75 13.07 -6.42
N VAL C 92 -30.47 12.71 -6.35
CA VAL C 92 -29.63 12.85 -7.56
C VAL C 92 -30.06 11.91 -8.69
N ARG C 93 -30.62 10.77 -8.37
CA ARG C 93 -31.13 9.91 -9.43
C ARG C 93 -32.43 10.43 -10.00
N GLU C 94 -33.29 10.94 -9.12
CA GLU C 94 -34.63 11.40 -9.50
C GLU C 94 -34.49 12.55 -10.47
N GLU C 95 -33.32 13.18 -10.47
CA GLU C 95 -33.06 14.28 -11.38
C GLU C 95 -32.80 13.81 -12.80
N VAL C 96 -32.33 12.58 -13.00
CA VAL C 96 -32.04 12.09 -14.36
C VAL C 96 -32.88 10.92 -14.83
N ILE C 97 -33.56 10.23 -13.90
CA ILE C 97 -34.50 9.17 -14.26
C ILE C 97 -35.81 9.28 -13.48
N ASP C 98 -36.83 8.53 -13.90
CA ASP C 98 -38.09 8.49 -13.16
C ASP C 98 -38.17 7.26 -12.25
N PHE C 99 -38.80 7.40 -11.10
CA PHE C 99 -39.03 6.29 -10.18
C PHE C 99 -40.50 6.10 -9.92
N SER C 100 -40.93 4.85 -9.84
CA SER C 100 -42.25 4.54 -9.29
C SER C 100 -42.26 4.88 -7.82
N LYS C 101 -43.46 4.92 -7.23
CA LYS C 101 -43.59 4.87 -5.79
C LYS C 101 -42.83 3.61 -5.32
N PRO C 102 -42.34 3.62 -4.06
CA PRO C 102 -41.53 2.52 -3.52
C PRO C 102 -42.26 1.17 -3.51
N PHE C 103 -41.55 0.11 -3.84
CA PHE C 103 -42.13 -1.21 -3.71
C PHE C 103 -41.59 -1.94 -2.48
N MET C 104 -40.56 -1.39 -1.85
CA MET C 104 -39.96 -2.00 -0.67
C MET C 104 -39.25 -0.96 0.20
N SER C 105 -39.44 -1.09 1.50
CA SER C 105 -38.81 -0.20 2.47
C SER C 105 -37.48 -0.77 2.97
N LEU C 106 -36.53 0.11 3.24
CA LEU C 106 -35.26 -0.31 3.82
C LEU C 106 -34.57 0.87 4.48
N GLY C 107 -33.49 0.58 5.19
CA GLY C 107 -32.66 1.61 5.77
C GLY C 107 -31.25 1.09 5.76
N ILE C 108 -30.29 1.99 5.84
CA ILE C 108 -28.91 1.59 6.01
C ILE C 108 -28.76 0.91 7.38
N SER C 109 -28.06 -0.22 7.43
CA SER C 109 -27.88 -0.94 8.70
C SER C 109 -26.45 -1.47 8.80
N ILE C 110 -26.12 -2.04 9.96
CA ILE C 110 -24.77 -2.57 10.21
C ILE C 110 -24.79 -4.09 10.27
N MET C 111 -23.94 -4.73 9.48
CA MET C 111 -23.75 -6.17 9.56
C MET C 111 -22.43 -6.46 10.23
N ILE C 112 -22.46 -7.35 11.24
CA ILE C 112 -21.24 -7.77 11.94
C ILE C 112 -21.06 -9.28 11.98
N LYS C 113 -19.83 -9.74 12.17
CA LYS C 113 -19.63 -11.16 12.47
C LYS C 113 -20.18 -11.35 13.88
N LYS C 114 -20.93 -12.42 14.14
CA LYS C 114 -21.45 -12.68 15.50
C LYS C 114 -20.35 -12.64 16.54
N GLY C 115 -20.60 -11.97 17.67
CA GLY C 115 -19.58 -11.75 18.69
C GLY C 115 -18.83 -10.42 18.64
N THR C 116 -18.93 -9.71 17.52
CA THR C 116 -18.23 -8.43 17.40
C THR C 116 -18.80 -7.42 18.42
N PRO C 117 -17.91 -6.75 19.20
CA PRO C 117 -18.38 -5.85 20.26
C PRO C 117 -18.84 -4.48 19.73
N ILE C 118 -19.83 -4.49 18.82
CA ILE C 118 -20.38 -3.27 18.25
C ILE C 118 -21.91 -3.34 18.35
N GLU C 119 -22.53 -2.24 18.78
CA GLU C 119 -23.99 -2.18 18.93
C GLU C 119 -24.63 -1.16 17.98
N SER C 120 -23.89 -0.12 17.61
CA SER C 120 -24.48 0.99 16.89
C SER C 120 -23.47 1.64 15.99
N ALA C 121 -23.91 2.62 15.20
CA ALA C 121 -23.00 3.40 14.39
C ALA C 121 -22.12 4.26 15.29
N GLU C 122 -22.70 4.81 16.35
CA GLU C 122 -21.90 5.59 17.29
C GLU C 122 -20.72 4.75 17.80
N ASP C 123 -21.00 3.51 18.20
CA ASP C 123 -19.93 2.60 18.61
C ASP C 123 -18.83 2.52 17.56
N LEU C 124 -19.22 2.24 16.33
CA LEU C 124 -18.25 2.15 15.24
C LEU C 124 -17.37 3.39 15.19
N SER C 125 -18.00 4.56 15.27
CA SER C 125 -17.29 5.83 15.11
C SER C 125 -16.36 6.19 16.28
N LYS C 126 -16.51 5.52 17.43
CA LYS C 126 -15.71 5.85 18.62
C LYS C 126 -14.55 4.89 18.83
N GLN C 127 -14.27 4.06 17.83
CA GLN C 127 -13.18 3.09 17.96
C GLN C 127 -12.48 2.96 16.63
N THR C 128 -11.34 2.28 16.64
CA THR C 128 -10.50 2.16 15.46
C THR C 128 -9.99 0.72 15.20
N GLU C 129 -10.33 -0.20 16.09
CA GLU C 129 -9.85 -1.58 15.94
C GLU C 129 -10.61 -2.28 14.81
N ILE C 130 -11.90 -1.97 14.70
CA ILE C 130 -12.76 -2.61 13.72
C ILE C 130 -12.99 -1.66 12.55
N ALA C 131 -12.60 -2.13 11.37
CA ALA C 131 -12.76 -1.34 10.16
C ALA C 131 -14.21 -1.48 9.68
N TYR C 132 -14.64 -0.58 8.81
CA TYR C 132 -15.99 -0.68 8.27
C TYR C 132 -16.09 0.15 6.99
N GLY C 133 -16.89 -0.34 6.06
CA GLY C 133 -17.11 0.34 4.80
C GLY C 133 -18.44 -0.05 4.22
N THR C 134 -18.60 0.27 2.94
CA THR C 134 -19.87 0.14 2.25
C THR C 134 -19.62 -0.28 0.81
N LEU C 135 -20.72 -0.49 0.10
CA LEU C 135 -20.66 -0.79 -1.32
C LEU C 135 -20.20 0.45 -2.08
N ASP C 136 -19.46 0.25 -3.16
CA ASP C 136 -19.05 1.36 -4.02
C ASP C 136 -20.11 1.66 -5.10
N SER C 137 -20.20 2.92 -5.51
CA SER C 137 -21.09 3.29 -6.60
C SER C 137 -22.57 3.15 -6.23
N GLY C 138 -22.88 3.35 -4.96
CA GLY C 138 -24.23 3.14 -4.47
C GLY C 138 -24.73 4.23 -3.57
N SER C 139 -26.00 4.14 -3.18
CA SER C 139 -26.62 5.18 -2.37
C SER C 139 -26.08 5.19 -0.94
N THR C 140 -25.58 4.04 -0.46
CA THR C 140 -25.09 4.02 0.91
C THR C 140 -23.83 4.88 1.01
N LYS C 141 -22.93 4.70 0.07
CA LYS C 141 -21.70 5.49 0.06
C LYS C 141 -22.05 6.98 -0.03
N GLU C 142 -22.95 7.33 -0.93
CA GLU C 142 -23.40 8.71 -1.07
C GLU C 142 -24.02 9.24 0.19
N PHE C 143 -24.74 8.39 0.92
CA PHE C 143 -25.35 8.83 2.17
C PHE C 143 -24.25 9.30 3.13
N PHE C 144 -23.21 8.50 3.27
CA PHE C 144 -22.12 8.92 4.14
C PHE C 144 -21.36 10.14 3.58
N ARG C 145 -21.15 10.17 2.27
CA ARG C 145 -20.43 11.27 1.64
C ARG C 145 -21.09 12.62 1.95
N ARG C 146 -22.43 12.63 1.99
CA ARG C 146 -23.18 13.86 2.10
C ARG C 146 -23.65 14.24 3.51
N SER C 147 -23.61 13.30 4.45
CA SER C 147 -24.27 13.55 5.72
C SER C 147 -23.65 14.67 6.53
N LYS C 148 -24.50 15.45 7.18
CA LYS C 148 -24.06 16.48 8.11
C LYS C 148 -24.28 16.03 9.56
N ILE C 149 -24.85 14.86 9.74
CA ILE C 149 -25.02 14.34 11.09
C ILE C 149 -23.64 13.98 11.64
N ALA C 150 -23.38 14.34 12.89
CA ALA C 150 -22.06 14.23 13.51
C ALA C 150 -21.41 12.84 13.42
N VAL C 151 -22.16 11.83 13.82
CA VAL C 151 -21.63 10.47 13.82
C VAL C 151 -21.36 9.97 12.39
N PHE C 152 -22.26 10.26 11.46
CA PHE C 152 -22.08 9.79 10.09
C PHE C 152 -20.96 10.55 9.35
N ASP C 153 -20.85 11.85 9.61
CA ASP C 153 -19.76 12.65 9.10
C ASP C 153 -18.41 12.12 9.63
N LYS C 154 -18.36 11.79 10.91
CA LYS C 154 -17.13 11.25 11.48
C LYS C 154 -16.78 9.92 10.81
N MET C 155 -17.80 9.11 10.56
CA MET C 155 -17.61 7.81 9.91
C MET C 155 -17.11 7.99 8.48
N TRP C 156 -17.61 9.01 7.79
CA TRP C 156 -17.16 9.24 6.42
C TRP C 156 -15.72 9.73 6.40
N THR C 157 -15.34 10.55 7.38
CA THR C 157 -13.99 11.05 7.42
C THR C 157 -13.01 9.87 7.55
N TYR C 158 -13.35 8.91 8.40
CA TYR C 158 -12.55 7.69 8.50
C TYR C 158 -12.57 6.87 7.21
N MET C 159 -13.76 6.49 6.75
CA MET C 159 -13.86 5.61 5.59
C MET C 159 -13.16 6.15 4.34
N ARG C 160 -13.28 7.45 4.08
CA ARG C 160 -12.79 7.99 2.80
C ARG C 160 -11.28 7.88 2.60
N SER C 161 -10.53 7.82 3.70
CA SER C 161 -9.07 7.75 3.58
C SER C 161 -8.44 6.52 4.22
N ALA C 162 -9.28 5.55 4.59
CA ALA C 162 -8.82 4.29 5.18
C ALA C 162 -8.08 3.42 4.15
N GLU C 163 -7.00 2.80 4.61
CA GLU C 163 -6.26 1.86 3.78
C GLU C 163 -6.03 0.61 4.61
N PRO C 164 -6.26 -0.56 4.02
CA PRO C 164 -6.72 -0.73 2.63
C PRO C 164 -8.16 -0.22 2.47
N SER C 165 -8.60 -0.01 1.23
CA SER C 165 -9.94 0.50 0.96
C SER C 165 -10.98 -0.28 1.74
N VAL C 166 -11.85 0.42 2.47
CA VAL C 166 -12.95 -0.25 3.15
C VAL C 166 -14.12 -0.53 2.22
N PHE C 167 -14.05 -0.03 0.98
CA PHE C 167 -15.17 -0.17 0.05
C PHE C 167 -15.04 -1.46 -0.74
N VAL C 168 -16.17 -2.06 -1.10
CA VAL C 168 -16.17 -3.33 -1.81
C VAL C 168 -16.96 -3.16 -3.10
N ARG C 169 -16.78 -4.07 -4.06
CA ARG C 169 -17.43 -3.85 -5.34
C ARG C 169 -18.81 -4.49 -5.48
N THR C 170 -19.11 -5.49 -4.63
CA THR C 170 -20.42 -6.11 -4.64
C THR C 170 -20.79 -6.46 -3.22
N THR C 171 -22.08 -6.65 -2.96
CA THR C 171 -22.54 -7.03 -1.62
C THR C 171 -21.89 -8.33 -1.15
N ALA C 172 -21.82 -9.31 -2.04
CA ALA C 172 -21.19 -10.61 -1.71
C ALA C 172 -19.76 -10.41 -1.19
N GLU C 173 -19.02 -9.50 -1.82
CA GLU C 173 -17.66 -9.21 -1.39
C GLU C 173 -17.63 -8.60 0.03
N GLY C 174 -18.55 -7.68 0.33
CA GLY C 174 -18.63 -7.13 1.66
C GLY C 174 -18.97 -8.20 2.69
N VAL C 175 -19.92 -9.07 2.37
CA VAL C 175 -20.33 -10.13 3.26
C VAL C 175 -19.16 -11.13 3.47
N ALA C 176 -18.50 -11.52 2.40
CA ALA C 176 -17.32 -12.38 2.52
C ALA C 176 -16.28 -11.74 3.43
N ARG C 177 -16.10 -10.42 3.28
CA ARG C 177 -15.11 -9.71 4.07
C ARG C 177 -15.43 -9.70 5.57
N VAL C 178 -16.70 -9.51 5.91
CA VAL C 178 -17.12 -9.65 7.29
C VAL C 178 -16.79 -11.04 7.82
N ARG C 179 -17.20 -12.07 7.07
CA ARG C 179 -17.05 -13.45 7.50
C ARG C 179 -15.61 -13.87 7.72
N LYS C 180 -14.69 -13.38 6.89
CA LYS C 180 -13.31 -13.81 7.01
C LYS C 180 -12.46 -12.94 7.93
N SER C 181 -13.02 -11.85 8.44
CA SER C 181 -12.21 -10.87 9.15
C SER C 181 -12.14 -11.08 10.67
N LYS C 182 -12.74 -12.14 11.16
CA LYS C 182 -12.68 -12.47 12.59
C LYS C 182 -13.19 -11.32 13.46
N GLY C 183 -14.21 -10.62 12.95
CA GLY C 183 -14.82 -9.53 13.69
C GLY C 183 -14.14 -8.18 13.51
N LYS C 184 -13.11 -8.12 12.67
CA LYS C 184 -12.39 -6.86 12.46
C LYS C 184 -12.89 -6.05 11.25
N TYR C 185 -13.95 -6.52 10.61
CA TYR C 185 -14.61 -5.73 9.56
C TYR C 185 -16.13 -5.80 9.76
N ALA C 186 -16.77 -4.63 9.78
CA ALA C 186 -18.22 -4.52 9.82
C ALA C 186 -18.65 -3.89 8.50
N TYR C 187 -19.78 -4.33 7.95
CA TYR C 187 -20.24 -3.85 6.66
C TYR C 187 -21.53 -3.03 6.78
N LEU C 188 -21.54 -1.84 6.19
CA LEU C 188 -22.74 -1.02 6.16
C LEU C 188 -23.53 -1.29 4.89
N LEU C 189 -24.75 -1.79 5.02
CA LEU C 189 -25.56 -2.14 3.86
C LEU C 189 -27.02 -2.02 4.18
N GLU C 190 -27.86 -2.19 3.17
CA GLU C 190 -29.28 -1.95 3.36
C GLU C 190 -29.91 -3.09 4.16
N SER C 191 -30.89 -2.75 4.98
CA SER C 191 -31.45 -3.70 5.93
C SER C 191 -32.02 -4.94 5.27
N THR C 192 -32.59 -4.78 4.07
CA THR C 192 -33.15 -5.90 3.32
C THR C 192 -32.10 -6.96 3.01
N MET C 193 -30.94 -6.52 2.51
CA MET C 193 -29.87 -7.47 2.21
C MET C 193 -29.34 -8.09 3.49
N ASN C 194 -29.17 -7.24 4.49
CA ASN C 194 -28.64 -7.65 5.79
C ASN C 194 -29.51 -8.75 6.42
N GLU C 195 -30.83 -8.53 6.40
CA GLU C 195 -31.78 -9.49 6.99
C GLU C 195 -31.85 -10.78 6.19
N TYR C 196 -31.69 -10.69 4.88
CA TYR C 196 -31.60 -11.90 4.07
C TYR C 196 -30.38 -12.75 4.45
N ILE C 197 -29.22 -12.11 4.52
CA ILE C 197 -27.96 -12.81 4.76
C ILE C 197 -27.95 -13.43 6.15
N GLU C 198 -28.61 -12.75 7.08
CA GLU C 198 -28.71 -13.19 8.46
C GLU C 198 -29.44 -14.54 8.56
N GLN C 199 -30.30 -14.83 7.61
CA GLN C 199 -31.03 -16.09 7.62
C GLN C 199 -30.43 -17.14 6.68
N ARG C 200 -29.18 -16.96 6.28
CA ARG C 200 -28.52 -17.92 5.39
C ARG C 200 -27.29 -18.53 6.04
N LYS C 201 -27.09 -19.83 5.83
CA LYS C 201 -25.88 -20.50 6.25
C LYS C 201 -24.69 -19.75 5.68
N PRO C 202 -23.60 -19.66 6.45
CA PRO C 202 -23.30 -20.32 7.73
C PRO C 202 -23.95 -19.70 8.97
N CYS C 203 -24.88 -18.77 8.80
CA CYS C 203 -25.56 -18.17 9.95
C CYS C 203 -24.56 -17.57 10.91
N ASP C 204 -23.57 -16.84 10.41
CA ASP C 204 -22.53 -16.33 11.28
C ASP C 204 -22.45 -14.80 11.30
N THR C 205 -23.46 -14.15 10.71
CA THR C 205 -23.48 -12.70 10.74
C THR C 205 -24.75 -12.23 11.39
N MET C 206 -24.76 -10.96 11.76
CA MET C 206 -25.87 -10.39 12.49
C MET C 206 -26.10 -8.92 12.14
N LYS C 207 -27.36 -8.51 12.10
CA LYS C 207 -27.71 -7.10 11.99
C LYS C 207 -27.74 -6.52 13.39
N VAL C 208 -27.13 -5.36 13.59
CA VAL C 208 -27.15 -4.74 14.92
C VAL C 208 -27.56 -3.28 14.89
N GLY C 209 -28.22 -2.85 15.96
CA GLY C 209 -28.69 -1.48 16.06
C GLY C 209 -29.84 -1.22 15.12
N GLY C 210 -30.38 -0.01 15.16
CA GLY C 210 -31.48 0.33 14.29
C GLY C 210 -30.93 0.82 12.95
N ASN C 211 -31.84 1.03 12.00
CA ASN C 211 -31.48 1.55 10.69
C ASN C 211 -31.02 2.98 10.83
N LEU C 212 -30.05 3.36 10.03
CA LEU C 212 -29.52 4.73 10.04
C LEU C 212 -30.41 5.73 9.31
N ASP C 213 -31.22 5.26 8.36
CA ASP C 213 -32.15 6.12 7.63
C ASP C 213 -33.37 5.34 7.19
N SER C 214 -34.28 5.98 6.48
CA SER C 214 -35.49 5.31 6.00
C SER C 214 -35.78 5.72 4.56
N LYS C 215 -35.87 4.73 3.68
CA LYS C 215 -36.05 5.01 2.28
C LYS C 215 -36.67 3.82 1.57
N GLY C 216 -36.69 3.86 0.25
CA GLY C 216 -37.33 2.80 -0.51
C GLY C 216 -36.69 2.49 -1.83
N TYR C 217 -36.99 1.29 -2.36
CA TYR C 217 -36.61 0.93 -3.72
C TYR C 217 -37.74 1.31 -4.65
N GLY C 218 -37.39 1.79 -5.83
CA GLY C 218 -38.37 2.08 -6.84
C GLY C 218 -38.01 1.44 -8.17
N ILE C 219 -39.01 1.22 -9.00
CA ILE C 219 -38.80 0.79 -10.36
C ILE C 219 -38.46 2.03 -11.17
N ALA C 220 -37.39 1.97 -11.97
CA ALA C 220 -36.93 3.17 -12.64
C ALA C 220 -37.07 3.08 -14.17
N THR C 221 -37.45 4.19 -14.79
CA THR C 221 -37.59 4.29 -16.24
C THR C 221 -36.88 5.56 -16.71
N PRO C 222 -36.53 5.65 -18.01
CA PRO C 222 -35.93 6.91 -18.49
C PRO C 222 -36.88 8.10 -18.35
N LYS C 223 -36.31 9.29 -18.17
CA LYS C 223 -37.08 10.52 -18.07
C LYS C 223 -38.17 10.61 -19.13
N GLY C 224 -39.38 10.94 -18.69
CA GLY C 224 -40.51 11.10 -19.58
C GLY C 224 -40.91 9.88 -20.38
N SER C 225 -40.43 8.70 -19.98
CA SER C 225 -40.85 7.46 -20.65
C SER C 225 -42.35 7.23 -20.46
N SER C 226 -43.00 6.71 -21.48
CA SER C 226 -44.43 6.44 -21.41
C SER C 226 -44.74 5.25 -20.51
N LEU C 227 -43.78 4.35 -20.31
CA LEU C 227 -43.93 3.24 -19.36
C LEU C 227 -44.13 3.72 -17.94
N GLY C 228 -43.65 4.92 -17.64
CA GLY C 228 -43.63 5.43 -16.29
C GLY C 228 -44.96 5.37 -15.58
N ASN C 229 -45.99 5.92 -16.22
CA ASN C 229 -47.29 6.01 -15.57
C ASN C 229 -47.87 4.63 -15.22
N ALA C 230 -47.94 3.76 -16.22
CA ALA C 230 -48.51 2.44 -16.01
C ALA C 230 -47.73 1.65 -14.97
N VAL C 231 -46.40 1.73 -15.03
CA VAL C 231 -45.56 1.00 -14.09
C VAL C 231 -45.83 1.46 -12.66
N ASN C 232 -46.01 2.76 -12.49
CA ASN C 232 -46.31 3.32 -11.18
C ASN C 232 -47.65 2.80 -10.67
N LEU C 233 -48.65 2.78 -11.53
CA LEU C 233 -49.98 2.29 -11.17
C LEU C 233 -49.93 0.80 -10.84
N ALA C 234 -49.11 0.07 -11.58
CA ALA C 234 -48.97 -1.36 -11.33
C ALA C 234 -48.40 -1.60 -9.95
N VAL C 235 -47.39 -0.83 -9.57
CA VAL C 235 -46.79 -1.00 -8.26
C VAL C 235 -47.79 -0.74 -7.13
N LEU C 236 -48.60 0.31 -7.27
CA LEU C 236 -49.61 0.63 -6.25
C LEU C 236 -50.65 -0.49 -6.18
N LYS C 237 -51.02 -1.01 -7.34
CA LYS C 237 -51.93 -2.16 -7.34
C LYS C 237 -51.33 -3.40 -6.66
N LEU C 238 -50.08 -3.72 -6.95
CA LEU C 238 -49.43 -4.88 -6.34
C LEU C 238 -49.33 -4.70 -4.82
N SER C 239 -49.03 -3.48 -4.41
CA SER C 239 -48.92 -3.16 -3.01
C SER C 239 -50.25 -3.46 -2.30
N GLU C 240 -51.35 -2.94 -2.86
CA GLU C 240 -52.65 -3.04 -2.23
C GLU C 240 -53.27 -4.44 -2.31
N GLN C 241 -52.85 -5.23 -3.30
CA GLN C 241 -53.29 -6.61 -3.41
C GLN C 241 -52.48 -7.56 -2.55
N GLY C 242 -51.53 -7.02 -1.80
CA GLY C 242 -50.73 -7.81 -0.90
C GLY C 242 -49.67 -8.65 -1.59
N LEU C 243 -49.51 -8.47 -2.90
CA LEU C 243 -48.49 -9.24 -3.62
C LEU C 243 -47.06 -8.94 -3.18
N LEU C 244 -46.76 -7.67 -2.91
CA LEU C 244 -45.43 -7.33 -2.44
C LEU C 244 -45.09 -8.02 -1.10
N ASP C 245 -46.05 -8.09 -0.19
CA ASP C 245 -45.80 -8.82 1.07
C ASP C 245 -45.61 -10.31 0.84
N LYS C 246 -46.42 -10.87 -0.06
CA LYS C 246 -46.33 -12.29 -0.40
C LYS C 246 -44.94 -12.61 -0.93
N LEU C 247 -44.46 -11.79 -1.86
CA LEU C 247 -43.13 -11.93 -2.41
C LEU C 247 -42.05 -11.79 -1.34
N LYS C 248 -42.23 -10.86 -0.42
CA LYS C 248 -41.23 -10.70 0.65
C LYS C 248 -41.12 -11.95 1.54
N ASN C 249 -42.25 -12.50 1.96
CA ASN C 249 -42.25 -13.73 2.74
C ASN C 249 -41.62 -14.87 1.98
N LYS C 250 -41.96 -14.97 0.70
CA LYS C 250 -41.44 -16.06 -0.13
C LYS C 250 -39.92 -16.07 -0.19
N TRP C 251 -39.32 -14.90 -0.41
CA TRP C 251 -37.87 -14.85 -0.68
C TRP C 251 -36.99 -14.54 0.52
N TRP C 252 -37.57 -14.03 1.59
CA TRP C 252 -36.79 -13.80 2.79
C TRP C 252 -37.03 -14.91 3.82
N TYR C 253 -38.27 -15.03 4.27
CA TYR C 253 -38.56 -15.82 5.45
C TYR C 253 -38.97 -17.28 5.21
N ASP C 254 -39.74 -17.56 4.16
CA ASP C 254 -40.00 -18.94 3.77
C ASP C 254 -38.71 -19.66 3.41
N LYS C 255 -37.66 -18.90 3.18
CA LYS C 255 -36.38 -19.49 2.77
C LYS C 255 -35.33 -19.54 3.88
N GLY C 256 -35.62 -18.91 5.02
CA GLY C 256 -34.72 -18.90 6.16
C GLY C 256 -34.07 -20.26 6.43
N GLU C 257 -32.77 -20.22 6.75
CA GLU C 257 -31.98 -21.43 6.93
C GLU C 257 -31.46 -21.56 8.35
N CYS C 258 -31.51 -20.48 9.12
CA CYS C 258 -30.89 -20.47 10.43
C CYS C 258 -31.95 -20.56 11.53
N GLU D . 14.11 -10.19 -6.31
CA GLU D . 15.17 -10.77 -7.13
C GLU D . 15.15 -10.11 -8.51
O GLU D . 15.90 -10.53 -9.40
CB GLU D . 14.99 -12.29 -7.30
CG GLU D . 15.35 -13.10 -6.08
CD GLU D . 16.83 -13.30 -5.91
OE1 GLU D . 17.28 -13.76 -4.84
OE2 GLU D . 17.57 -12.99 -6.88
OXT GLU D . 14.40 -9.15 -8.74
N01 HFZ E . 13.72 1.64 3.86
S02 HFZ E . 13.40 1.43 2.19
O03 HFZ E . 14.71 1.92 1.31
O04 HFZ E . 13.09 -0.16 1.88
C05 HFZ E . 11.95 2.44 1.72
C06 HFZ E . 12.13 3.71 1.05
C07 HFZ E . 10.98 4.50 0.68
C08 HFZ E . 9.62 3.98 0.90
C09 HFZ E . 9.44 2.74 1.60
C10 HFZ E . 10.59 1.96 2.01
C11 HFZ E . 10.39 0.60 2.70
F12 HFZ E . 9.07 0.47 3.08
F13 HFZ E . 11.17 0.54 3.82
F14 HFZ E . 10.72 -0.41 1.85
N15 HFZ E . 8.42 4.82 0.59
C16 HFZ E . 8.47 5.82 -0.53
N17 HFZ E . 9.63 6.69 -0.45
S18 HFZ E . 11.19 6.00 -0.16
O19 HFZ E . 12.00 6.92 0.65
O20 HFZ E . 11.87 5.76 -1.44
ZN ZN F . -5.88 3.22 -1.11
N GLU G . 15.01 14.07 7.49
CA GLU G . 13.98 15.02 7.90
C GLU G . 13.46 15.80 6.68
O GLU G . 12.54 16.61 6.80
CB GLU G . 14.51 16.00 8.95
CG GLU G . 14.62 15.39 10.35
CD GLU G . 13.25 15.01 10.92
OE1 GLU G . 13.23 14.21 11.89
OE2 GLU G . 12.22 15.51 10.38
OXT GLU G . 13.96 15.61 5.57
N01 HFZ H . 16.50 -0.52 2.19
S02 HFZ H . 16.43 1.04 1.48
O03 HFZ H . 14.87 1.37 1.02
O04 HFZ H . 16.92 2.17 2.59
C05 HFZ H . 17.52 1.10 0.02
C06 HFZ H . 16.96 0.98 -1.30
C07 HFZ H . 17.82 1.03 -2.46
C08 HFZ H . 19.27 1.29 -2.29
C09 HFZ H . 19.84 1.36 -0.99
C10 HFZ H . 18.97 1.27 0.19
C11 HFZ H . 19.57 1.41 1.60
F12 HFZ H . 20.94 1.33 1.52
F13 HFZ H . 19.11 0.41 2.40
F14 HFZ H . 19.21 2.62 2.13
N15 HFZ H . 20.18 1.27 -3.47
C16 HFZ H . 19.69 1.69 -4.83
N17 HFZ H . 18.46 1.03 -5.21
S18 HFZ H . 17.15 0.94 -4.06
O19 HFZ H . 16.42 -0.32 -4.22
O20 HFZ H . 16.23 2.07 -4.27
ZN ZN I . 2.70 31.31 7.89
ZN ZN J . 33.23 4.11 -8.96
ZN ZN K . 33.83 28.54 13.34
N GLU L . -29.56 -0.12 -3.25
CA GLU L . -28.32 0.63 -3.40
C GLU L . -28.40 1.55 -4.60
O GLU L . -27.40 2.22 -4.92
CB GLU L . -27.14 -0.33 -3.55
CG GLU L . -26.69 -0.98 -2.24
CD GLU L . -26.06 0.01 -1.27
OE1 GLU L . -25.99 -0.32 -0.07
OE2 GLU L . -25.62 1.10 -1.72
OXT GLU L . -29.45 1.65 -5.26
N01 HFZ M . -43.23 1.99 3.84
S02 HFZ M . -42.68 2.31 2.25
O03 HFZ M . -42.24 3.90 2.13
O04 HFZ M . -41.38 1.35 1.92
C05 HFZ M . -44.02 1.96 1.05
C06 HFZ M . -44.80 3.05 0.52
C07 HFZ M . -45.86 2.77 -0.43
C08 HFZ M . -46.09 1.39 -0.90
C09 HFZ M . -45.36 0.30 -0.32
C10 HFZ M . -44.31 0.58 0.66
C11 HFZ M . -43.47 -0.58 1.22
F12 HFZ M . -44.05 -1.77 0.87
F13 HFZ M . -43.41 -0.48 2.58
F14 HFZ M . -42.21 -0.52 0.71
N15 HFZ M . -47.23 1.08 -1.81
C16 HFZ M . -47.72 2.10 -2.80
N17 HFZ M . -47.96 3.40 -2.20
S18 HFZ M . -46.78 4.08 -1.12
O19 HFZ M . -47.44 4.83 -0.06
O20 HFZ M . -45.88 4.96 -1.87
ZN ZN N . -53.28 -9.49 -10.27
#